data_1VH0
#
_entry.id   1VH0
#
_cell.length_a   48.527
_cell.length_b   74.496
_cell.length_c   81.531
_cell.angle_alpha   91.06
_cell.angle_beta   107.14
_cell.angle_gamma   90.14
#
_symmetry.space_group_name_H-M   'P 1'
#
loop_
_entity.id
_entity.type
_entity.pdbx_description
1 polymer 'Hypothetical UPF0247 protein SAV0024/SA0023'
2 water water
#
_entity_poly.entity_id   1
_entity_poly.type   'polypeptide(L)'
_entity_poly.pdbx_seq_one_letter_code
;MSLKITILAVGKLKEKYWKQAIAEYEKRLGPYTKIDIIEVPDEKAPENMSDKEIEQVKEKEGQRILAKIKPQSTVITLEI
QGKMLSSEGLAQELNQRMTQGQSDFVFVIGGSNGLHKDVLQRSNYALSFSKMTFPHQMMRVVLIEQVYRAFKIMRGEAYH
K
;
_entity_poly.pdbx_strand_id   A,B,C,D,E,F
#
# COMPACT_ATOMS: atom_id res chain seq x y z
N LEU A 3 38.44 -20.21 -26.50
CA LEU A 3 38.03 -20.30 -27.93
C LEU A 3 36.54 -20.23 -28.16
N LYS A 4 35.72 -21.19 -27.67
CA LYS A 4 34.28 -21.05 -27.81
C LYS A 4 33.58 -21.28 -26.46
N ILE A 5 32.68 -20.34 -26.10
CA ILE A 5 31.93 -20.42 -24.88
C ILE A 5 30.43 -20.38 -25.22
N THR A 6 29.72 -21.47 -24.90
CA THR A 6 28.30 -21.46 -25.18
C THR A 6 27.46 -21.49 -23.91
N ILE A 7 26.43 -20.68 -23.87
CA ILE A 7 25.44 -20.72 -22.76
C ILE A 7 24.15 -21.30 -23.36
N LEU A 8 23.88 -22.55 -23.02
CA LEU A 8 22.70 -23.28 -23.56
C LEU A 8 21.65 -23.31 -22.46
N ALA A 9 20.63 -22.48 -22.57
CA ALA A 9 19.64 -22.33 -21.55
C ALA A 9 18.23 -22.63 -21.98
N VAL A 10 17.38 -22.95 -21.00
CA VAL A 10 15.98 -23.20 -21.34
C VAL A 10 15.12 -21.94 -21.16
N GLY A 11 14.27 -21.66 -22.12
CA GLY A 11 13.34 -20.55 -22.06
C GLY A 11 13.93 -19.24 -22.50
N LYS A 12 13.06 -18.25 -22.77
CA LYS A 12 13.60 -16.95 -23.19
C LYS A 12 13.67 -16.07 -21.93
N LEU A 13 14.21 -14.90 -22.13
CA LEU A 13 14.23 -13.85 -21.07
C LEU A 13 13.18 -12.84 -21.52
N LYS A 14 12.19 -12.55 -20.72
CA LYS A 14 11.19 -11.56 -21.14
C LYS A 14 11.41 -10.24 -20.43
N GLU A 15 12.35 -10.29 -19.48
CA GLU A 15 12.71 -9.08 -18.73
C GLU A 15 13.78 -8.27 -19.42
N LYS A 16 13.57 -7.02 -19.67
CA LYS A 16 14.54 -6.14 -20.32
C LYS A 16 15.78 -5.91 -19.47
N TYR A 17 15.72 -5.90 -18.14
CA TYR A 17 16.90 -5.72 -17.32
C TYR A 17 17.84 -6.92 -17.41
N TRP A 18 17.31 -8.13 -17.55
CA TRP A 18 18.13 -9.31 -17.65
C TRP A 18 18.82 -9.34 -19.05
N LYS A 19 18.05 -8.97 -20.03
CA LYS A 19 18.51 -8.90 -21.42
C LYS A 19 19.61 -7.86 -21.59
N GLN A 20 19.45 -6.73 -20.90
CA GLN A 20 20.44 -5.66 -20.90
C GLN A 20 21.68 -6.10 -20.15
N ALA A 21 21.49 -6.82 -19.02
CA ALA A 21 22.68 -7.32 -18.33
C ALA A 21 23.45 -8.34 -19.16
N ILE A 22 22.78 -9.31 -19.77
CA ILE A 22 23.49 -10.31 -20.56
C ILE A 22 24.28 -9.62 -21.68
N ALA A 23 23.69 -8.66 -22.35
CA ALA A 23 24.36 -7.94 -23.42
C ALA A 23 25.64 -7.29 -22.91
N GLU A 24 25.61 -6.66 -21.74
CA GLU A 24 26.83 -6.05 -21.20
C GLU A 24 27.94 -7.10 -21.09
N TYR A 25 27.73 -8.18 -20.34
CA TYR A 25 28.76 -9.18 -20.22
C TYR A 25 29.18 -9.82 -21.54
N GLU A 26 28.28 -10.05 -22.47
CA GLU A 26 28.55 -10.61 -23.76
C GLU A 26 29.62 -9.74 -24.50
N LYS A 27 29.43 -8.44 -24.43
CA LYS A 27 30.36 -7.47 -24.98
C LYS A 27 31.68 -7.53 -24.19
N ARG A 28 31.57 -7.63 -22.83
CA ARG A 28 32.88 -7.71 -22.12
C ARG A 28 33.62 -9.00 -22.43
N LEU A 29 32.96 -10.10 -22.66
CA LEU A 29 33.60 -11.36 -22.98
C LEU A 29 34.17 -11.45 -24.40
N GLY A 30 33.55 -10.76 -25.34
CA GLY A 30 33.89 -10.73 -26.73
C GLY A 30 35.39 -10.87 -27.00
N PRO A 31 36.14 -9.87 -26.54
CA PRO A 31 37.58 -9.81 -26.63
C PRO A 31 38.32 -11.03 -26.20
N TYR A 32 37.79 -11.78 -25.21
CA TYR A 32 38.46 -12.94 -24.70
C TYR A 32 38.08 -14.23 -25.39
N THR A 33 36.88 -14.34 -25.93
CA THR A 33 36.47 -15.67 -26.46
C THR A 33 35.27 -15.38 -27.41
N LYS A 34 34.98 -16.36 -28.21
CA LYS A 34 33.67 -16.29 -28.94
C LYS A 34 32.63 -16.68 -27.82
N ILE A 35 31.57 -15.93 -27.71
CA ILE A 35 30.55 -16.23 -26.72
C ILE A 35 29.22 -16.36 -27.42
N ASP A 36 28.59 -17.54 -27.16
CA ASP A 36 27.30 -17.71 -27.84
C ASP A 36 26.21 -18.06 -26.88
N ILE A 37 25.00 -17.56 -27.10
CA ILE A 37 23.90 -17.89 -26.25
C ILE A 37 22.80 -18.59 -27.09
N ILE A 38 22.51 -19.83 -26.67
CA ILE A 38 21.45 -20.57 -27.40
C ILE A 38 20.31 -20.92 -26.45
N GLU A 39 19.07 -20.56 -26.76
CA GLU A 39 17.94 -20.93 -25.98
C GLU A 39 17.14 -22.09 -26.59
N VAL A 40 16.68 -23.02 -25.74
CA VAL A 40 15.78 -24.03 -26.30
C VAL A 40 14.43 -23.76 -25.63
N PRO A 41 13.34 -23.94 -26.35
CA PRO A 41 12.04 -23.68 -25.82
C PRO A 41 11.78 -24.49 -24.54
N ASP A 42 11.17 -23.84 -23.57
CA ASP A 42 10.71 -24.50 -22.37
C ASP A 42 9.38 -25.23 -22.71
N GLU A 43 9.13 -26.33 -22.04
CA GLU A 43 7.92 -27.12 -22.35
C GLU A 43 6.75 -26.58 -21.52
N LYS A 44 5.98 -25.72 -22.10
CA LYS A 44 4.79 -25.11 -21.58
C LYS A 44 3.90 -26.07 -20.84
N ALA A 45 3.55 -25.77 -19.61
CA ALA A 45 2.79 -26.65 -18.74
C ALA A 45 2.20 -25.94 -17.53
N PRO A 46 1.31 -26.63 -16.83
CA PRO A 46 0.72 -26.06 -15.62
C PRO A 46 1.84 -25.75 -14.63
N GLU A 47 1.53 -25.08 -13.54
CA GLU A 47 2.61 -24.78 -12.57
C GLU A 47 2.53 -25.84 -11.51
N ASN A 48 1.31 -26.27 -11.24
CA ASN A 48 1.20 -27.36 -10.26
C ASN A 48 1.20 -28.69 -11.02
N MET A 49 2.17 -29.58 -10.81
CA MET A 49 2.18 -30.82 -11.57
C MET A 49 2.51 -32.03 -10.76
N SER A 50 2.03 -33.20 -11.23
CA SER A 50 2.48 -34.44 -10.61
C SER A 50 3.98 -34.61 -11.01
N ASP A 51 4.66 -35.47 -10.30
CA ASP A 51 6.04 -35.83 -10.52
C ASP A 51 6.16 -36.45 -11.93
N LYS A 52 5.15 -37.18 -12.32
CA LYS A 52 5.05 -37.78 -13.61
C LYS A 52 5.10 -36.73 -14.71
N GLU A 53 4.32 -35.65 -14.54
CA GLU A 53 4.27 -34.56 -15.47
C GLU A 53 5.55 -33.72 -15.39
N ILE A 54 6.11 -33.59 -14.19
CA ILE A 54 7.33 -32.84 -13.98
C ILE A 54 8.40 -33.47 -14.92
N GLU A 55 8.57 -34.80 -14.74
CA GLU A 55 9.52 -35.55 -15.53
C GLU A 55 9.29 -35.43 -17.04
N GLN A 56 8.02 -35.36 -17.44
CA GLN A 56 7.78 -35.29 -18.90
C GLN A 56 8.24 -33.95 -19.41
N VAL A 57 8.00 -32.91 -18.62
CA VAL A 57 8.43 -31.56 -19.01
C VAL A 57 9.97 -31.56 -19.09
N LYS A 58 10.69 -32.15 -18.17
CA LYS A 58 12.15 -32.17 -18.16
C LYS A 58 12.73 -32.91 -19.32
N GLU A 59 12.11 -34.07 -19.60
CA GLU A 59 12.52 -34.94 -20.70
C GLU A 59 12.32 -34.27 -22.03
N LYS A 60 11.26 -33.48 -22.22
CA LYS A 60 11.11 -32.79 -23.51
C LYS A 60 12.16 -31.70 -23.64
N GLU A 61 12.36 -30.98 -22.48
CA GLU A 61 13.37 -29.95 -22.51
C GLU A 61 14.77 -30.54 -22.68
N GLY A 62 15.01 -31.68 -22.05
CA GLY A 62 16.31 -32.28 -22.05
C GLY A 62 16.70 -32.79 -23.42
N GLN A 63 15.72 -33.40 -24.09
CA GLN A 63 16.02 -33.96 -25.42
C GLN A 63 16.32 -32.82 -26.37
N ARG A 64 15.76 -31.64 -26.19
CA ARG A 64 16.10 -30.50 -27.06
C ARG A 64 17.46 -29.92 -26.68
N ILE A 65 17.79 -30.00 -25.38
CA ILE A 65 19.13 -29.50 -24.95
C ILE A 65 20.22 -30.39 -25.56
N LEU A 66 19.98 -31.72 -25.44
CA LEU A 66 20.89 -32.72 -25.90
C LEU A 66 21.07 -32.69 -27.40
N ALA A 67 19.99 -32.27 -28.07
CA ALA A 67 20.11 -32.24 -29.56
C ALA A 67 21.08 -31.15 -29.99
N LYS A 68 21.24 -30.16 -29.11
CA LYS A 68 22.09 -29.04 -29.41
C LYS A 68 23.53 -29.25 -29.04
N ILE A 69 23.84 -30.24 -28.26
CA ILE A 69 25.19 -30.49 -27.81
C ILE A 69 26.00 -31.43 -28.70
N LYS A 70 27.07 -30.90 -29.29
CA LYS A 70 27.89 -31.81 -30.15
C LYS A 70 28.57 -32.76 -29.21
N PRO A 71 28.86 -33.97 -29.69
CA PRO A 71 29.47 -35.00 -28.90
C PRO A 71 30.87 -34.69 -28.46
N GLN A 72 31.57 -33.77 -29.14
CA GLN A 72 32.95 -33.48 -28.68
C GLN A 72 32.99 -32.37 -27.65
N SER A 73 31.86 -31.73 -27.35
CA SER A 73 31.84 -30.60 -26.42
C SER A 73 32.10 -30.81 -24.97
N THR A 74 32.76 -29.79 -24.34
CA THR A 74 32.95 -29.95 -22.88
C THR A 74 31.65 -29.39 -22.25
N VAL A 75 30.87 -30.29 -21.68
CA VAL A 75 29.57 -29.91 -21.12
C VAL A 75 29.63 -29.67 -19.64
N ILE A 76 29.27 -28.43 -19.29
CA ILE A 76 29.25 -28.07 -17.86
C ILE A 76 27.81 -27.77 -17.46
N THR A 77 27.28 -28.61 -16.56
CA THR A 77 25.88 -28.41 -16.16
C THR A 77 25.79 -27.66 -14.85
N LEU A 78 24.89 -26.67 -14.82
CA LEU A 78 24.70 -25.93 -13.52
C LEU A 78 23.67 -26.71 -12.71
N GLU A 79 24.12 -27.22 -11.59
CA GLU A 79 23.37 -28.06 -10.67
C GLU A 79 23.61 -27.62 -9.25
N ILE A 80 22.55 -27.41 -8.46
CA ILE A 80 22.82 -26.94 -7.08
C ILE A 80 23.61 -27.95 -6.31
N GLN A 81 23.57 -29.22 -6.66
CA GLN A 81 24.29 -30.26 -5.99
C GLN A 81 25.62 -30.62 -6.64
N GLY A 82 26.24 -29.78 -7.45
CA GLY A 82 27.50 -30.11 -8.08
C GLY A 82 28.71 -29.62 -7.30
N LYS A 83 29.86 -29.50 -7.96
CA LYS A 83 31.08 -29.04 -7.33
C LYS A 83 31.05 -27.54 -7.02
N MET A 84 31.24 -27.13 -5.79
CA MET A 84 31.22 -25.71 -5.47
C MET A 84 32.57 -25.05 -5.57
N LEU A 85 32.88 -24.51 -6.75
CA LEU A 85 34.15 -23.89 -6.98
C LEU A 85 34.19 -22.44 -6.54
N SER A 86 35.34 -22.02 -5.99
CA SER A 86 35.47 -20.54 -5.74
C SER A 86 35.65 -19.95 -7.15
N SER A 87 35.69 -18.67 -7.29
CA SER A 87 35.94 -18.02 -8.57
C SER A 87 37.30 -18.41 -9.14
N GLU A 88 38.31 -18.59 -8.29
CA GLU A 88 39.65 -18.94 -8.71
C GLU A 88 39.65 -20.44 -9.12
N GLY A 89 38.93 -21.25 -8.38
CA GLY A 89 38.72 -22.68 -8.65
C GLY A 89 38.13 -22.86 -10.05
N LEU A 90 37.20 -22.03 -10.50
CA LEU A 90 36.65 -22.10 -11.85
C LEU A 90 37.68 -21.62 -12.88
N ALA A 91 38.45 -20.60 -12.55
CA ALA A 91 39.48 -20.11 -13.49
C ALA A 91 40.52 -21.23 -13.69
N GLN A 92 40.90 -21.88 -12.61
CA GLN A 92 41.85 -22.96 -12.59
C GLN A 92 41.30 -24.16 -13.37
N GLU A 93 40.01 -24.48 -13.15
CA GLU A 93 39.36 -25.56 -13.86
C GLU A 93 39.29 -25.28 -15.36
N LEU A 94 38.78 -24.13 -15.79
CA LEU A 94 38.73 -23.86 -17.22
C LEU A 94 40.14 -23.82 -17.82
N ASN A 95 41.06 -23.13 -17.18
CA ASN A 95 42.41 -22.99 -17.64
C ASN A 95 43.00 -24.39 -17.96
N GLN A 96 43.05 -25.25 -17.00
CA GLN A 96 43.55 -26.58 -17.09
C GLN A 96 42.97 -27.34 -18.27
N ARG A 97 41.66 -27.18 -18.52
CA ARG A 97 41.03 -27.83 -19.65
C ARG A 97 41.58 -27.27 -20.96
N MET A 98 41.60 -25.94 -21.07
CA MET A 98 42.11 -25.31 -22.30
C MET A 98 43.56 -25.76 -22.57
N THR A 99 44.33 -25.74 -21.50
CA THR A 99 45.71 -26.19 -21.55
C THR A 99 45.75 -27.55 -22.21
N GLN A 100 45.00 -28.51 -21.67
CA GLN A 100 44.89 -29.85 -22.16
C GLN A 100 44.00 -30.03 -23.38
N GLY A 101 43.92 -29.11 -24.34
CA GLY A 101 43.22 -29.31 -25.54
C GLY A 101 41.81 -28.98 -25.78
N GLN A 102 40.98 -28.79 -24.73
CA GLN A 102 39.59 -28.48 -24.87
C GLN A 102 39.39 -27.02 -25.27
N SER A 103 38.51 -26.75 -26.21
CA SER A 103 38.25 -25.38 -26.64
C SER A 103 36.78 -25.07 -26.83
N ASP A 104 35.94 -26.07 -26.63
CA ASP A 104 34.50 -25.92 -26.83
C ASP A 104 33.81 -26.27 -25.52
N PHE A 105 33.29 -25.22 -24.89
CA PHE A 105 32.66 -25.34 -23.58
C PHE A 105 31.21 -24.90 -23.67
N VAL A 106 30.38 -25.82 -23.19
CA VAL A 106 28.94 -25.58 -23.21
C VAL A 106 28.45 -25.61 -21.76
N PHE A 107 27.95 -24.46 -21.30
CA PHE A 107 27.44 -24.40 -19.92
C PHE A 107 25.91 -24.51 -20.10
N VAL A 108 25.29 -25.42 -19.37
CA VAL A 108 23.85 -25.62 -19.55
C VAL A 108 23.07 -25.15 -18.33
N ILE A 109 21.92 -24.56 -18.56
CA ILE A 109 21.00 -24.09 -17.58
C ILE A 109 19.61 -24.69 -17.91
N GLY A 110 19.06 -25.46 -16.97
CA GLY A 110 17.71 -25.99 -17.19
C GLY A 110 16.60 -24.97 -16.92
N GLY A 111 15.37 -25.35 -17.18
CA GLY A 111 14.18 -24.58 -17.02
C GLY A 111 13.73 -24.57 -15.55
N SER A 112 12.48 -24.18 -15.34
CA SER A 112 11.88 -24.12 -14.02
C SER A 112 11.87 -25.39 -13.24
N ASN A 113 11.84 -26.56 -13.87
CA ASN A 113 11.85 -27.82 -13.15
C ASN A 113 13.19 -28.48 -13.15
N GLY A 114 14.28 -27.77 -13.47
CA GLY A 114 15.59 -28.40 -13.42
C GLY A 114 15.97 -29.16 -14.68
N LEU A 115 16.99 -29.99 -14.62
CA LEU A 115 17.45 -30.74 -15.80
C LEU A 115 17.13 -32.23 -15.69
N HIS A 116 16.71 -32.81 -16.80
CA HIS A 116 16.41 -34.24 -16.83
C HIS A 116 17.67 -35.04 -16.56
N LYS A 117 17.59 -36.29 -16.09
CA LYS A 117 18.79 -37.07 -15.85
C LYS A 117 19.60 -37.34 -17.11
N ASP A 118 19.02 -37.39 -18.30
CA ASP A 118 19.77 -37.59 -19.52
C ASP A 118 20.82 -36.50 -19.71
N VAL A 119 20.37 -35.24 -19.52
CA VAL A 119 21.25 -34.08 -19.65
C VAL A 119 22.31 -34.21 -18.57
N LEU A 120 21.93 -34.63 -17.36
CA LEU A 120 22.88 -34.82 -16.28
C LEU A 120 23.89 -35.94 -16.57
N GLN A 121 23.56 -36.94 -17.37
CA GLN A 121 24.51 -38.04 -17.67
C GLN A 121 25.46 -37.63 -18.77
N ARG A 122 25.07 -36.65 -19.59
CA ARG A 122 25.96 -36.13 -20.61
C ARG A 122 27.02 -35.21 -20.00
N SER A 123 26.73 -34.70 -18.77
CA SER A 123 27.65 -33.73 -18.19
C SER A 123 29.09 -34.20 -18.05
N ASN A 124 30.00 -33.27 -18.36
CA ASN A 124 31.43 -33.51 -18.16
C ASN A 124 31.81 -32.98 -16.78
N TYR A 125 30.98 -32.05 -16.32
CA TYR A 125 31.29 -31.42 -15.01
C TYR A 125 30.06 -30.72 -14.45
N ALA A 126 29.71 -31.06 -13.24
CA ALA A 126 28.50 -30.46 -12.59
C ALA A 126 29.00 -29.28 -11.79
N LEU A 127 28.55 -28.09 -12.12
CA LEU A 127 29.11 -26.91 -11.37
C LEU A 127 28.01 -26.35 -10.46
N SER A 128 28.26 -26.26 -9.16
CA SER A 128 27.26 -25.55 -8.35
C SER A 128 27.68 -24.08 -8.14
N PHE A 129 26.78 -23.14 -8.19
CA PHE A 129 27.01 -21.74 -7.90
C PHE A 129 26.53 -21.40 -6.48
N SER A 130 25.64 -22.22 -5.97
CA SER A 130 25.07 -21.98 -4.63
C SER A 130 24.26 -23.16 -4.14
N LYS A 131 23.97 -23.15 -2.84
CA LYS A 131 23.10 -24.17 -2.27
C LYS A 131 21.68 -23.63 -2.38
N MET A 132 21.56 -22.32 -2.62
CA MET A 132 20.24 -21.72 -2.79
C MET A 132 19.77 -21.88 -4.27
N THR A 133 18.52 -21.64 -4.47
CA THR A 133 17.85 -21.70 -5.74
C THR A 133 17.79 -20.34 -6.37
N PHE A 134 18.29 -20.23 -7.59
CA PHE A 134 18.27 -18.98 -8.31
C PHE A 134 17.36 -19.23 -9.56
N PRO A 135 16.46 -18.30 -9.75
CA PRO A 135 15.55 -18.40 -10.91
C PRO A 135 16.43 -18.51 -12.18
N HIS A 136 16.07 -19.34 -13.13
CA HIS A 136 16.86 -19.56 -14.32
C HIS A 136 17.15 -18.34 -15.13
N GLN A 137 16.33 -17.32 -15.21
CA GLN A 137 16.66 -16.08 -15.93
C GLN A 137 17.79 -15.31 -15.27
N MET A 138 17.81 -15.27 -13.95
CA MET A 138 18.82 -14.53 -13.18
C MET A 138 20.11 -15.36 -13.13
N MET A 139 19.91 -16.69 -13.21
CA MET A 139 21.09 -17.59 -13.25
C MET A 139 21.92 -17.29 -14.50
N ARG A 140 21.29 -16.98 -15.61
CA ARG A 140 21.94 -16.69 -16.86
C ARG A 140 22.84 -15.45 -16.74
N VAL A 141 22.37 -14.47 -16.00
CA VAL A 141 23.15 -13.24 -15.79
C VAL A 141 24.33 -13.53 -14.90
N VAL A 142 24.05 -14.21 -13.78
CA VAL A 142 25.08 -14.62 -12.83
C VAL A 142 26.16 -15.48 -13.50
N LEU A 143 25.82 -16.38 -14.40
CA LEU A 143 26.75 -17.30 -15.05
C LEU A 143 27.75 -16.60 -15.97
N ILE A 144 27.24 -15.81 -16.86
CA ILE A 144 28.02 -15.05 -17.83
C ILE A 144 28.87 -14.02 -17.14
N GLU A 145 28.43 -13.51 -15.95
CA GLU A 145 29.32 -12.56 -15.26
C GLU A 145 30.48 -13.37 -14.71
N GLN A 146 30.14 -14.60 -14.28
CA GLN A 146 31.15 -15.45 -13.69
C GLN A 146 32.14 -15.96 -14.75
N VAL A 147 31.71 -16.13 -15.99
CA VAL A 147 32.59 -16.58 -17.05
C VAL A 147 33.57 -15.44 -17.38
N TYR A 148 33.05 -14.24 -17.47
CA TYR A 148 33.86 -13.03 -17.66
C TYR A 148 34.87 -12.87 -16.54
N ARG A 149 34.42 -13.20 -15.29
CA ARG A 149 35.35 -13.12 -14.17
C ARG A 149 36.47 -14.15 -14.29
N ALA A 150 36.12 -15.40 -14.71
CA ALA A 150 37.18 -16.43 -14.77
C ALA A 150 38.24 -16.08 -15.82
N PHE A 151 37.86 -15.51 -16.95
CA PHE A 151 38.78 -15.07 -17.96
C PHE A 151 39.71 -13.99 -17.41
N LYS A 152 39.12 -12.97 -16.72
CA LYS A 152 39.93 -11.98 -16.06
C LYS A 152 40.95 -12.66 -15.16
N ILE A 153 40.57 -13.56 -14.32
CA ILE A 153 41.48 -14.27 -13.44
C ILE A 153 42.48 -15.10 -14.22
N MET A 154 42.04 -15.73 -15.35
CA MET A 154 43.01 -16.56 -16.09
C MET A 154 44.07 -15.63 -16.72
N ARG A 155 43.63 -14.41 -17.03
CA ARG A 155 44.45 -13.43 -17.64
C ARG A 155 45.27 -12.55 -16.67
N GLY A 156 45.10 -12.79 -15.38
CA GLY A 156 45.84 -11.99 -14.39
C GLY A 156 45.39 -10.54 -14.53
N GLU A 157 44.11 -10.27 -14.80
CA GLU A 157 43.69 -8.87 -14.96
C GLU A 157 42.87 -8.47 -13.72
N ALA A 158 43.08 -7.26 -13.22
CA ALA A 158 42.37 -6.72 -12.09
C ALA A 158 40.86 -6.60 -12.37
N TYR A 159 40.06 -7.15 -11.48
CA TYR A 159 38.61 -7.17 -11.60
C TYR A 159 38.03 -7.75 -10.25
N LEU B 3 7.24 -5.91 11.00
CA LEU B 3 8.25 -6.70 10.26
C LEU B 3 9.16 -5.79 9.45
N LYS B 4 10.49 -5.90 9.65
CA LYS B 4 11.38 -5.13 8.79
C LYS B 4 12.58 -5.92 8.27
N ILE B 5 12.84 -5.71 6.98
CA ILE B 5 13.93 -6.30 6.25
C ILE B 5 14.83 -5.14 5.77
N THR B 6 16.06 -5.10 6.28
CA THR B 6 16.96 -4.06 5.83
C THR B 6 18.08 -4.61 4.93
N ILE B 7 18.26 -4.04 3.78
CA ILE B 7 19.44 -4.38 2.95
C ILE B 7 20.45 -3.23 3.11
N LEU B 8 21.49 -3.54 3.86
CA LEU B 8 22.52 -2.47 4.14
C LEU B 8 23.71 -2.71 3.20
N ALA B 9 23.85 -1.91 2.17
CA ALA B 9 24.93 -2.15 1.22
C ALA B 9 25.92 -1.00 1.10
N VAL B 10 27.04 -1.26 0.43
CA VAL B 10 28.07 -0.26 0.20
C VAL B 10 28.07 0.19 -1.27
N GLY B 11 28.15 1.49 -1.48
CA GLY B 11 28.16 2.07 -2.81
C GLY B 11 26.79 2.05 -3.46
N LYS B 12 26.62 2.74 -4.58
CA LYS B 12 25.33 2.70 -5.29
C LYS B 12 25.48 1.90 -6.58
N LEU B 13 24.53 1.95 -7.47
CA LEU B 13 24.52 1.25 -8.76
C LEU B 13 24.31 2.33 -9.84
N LYS B 14 25.01 2.32 -10.95
CA LYS B 14 24.72 3.37 -11.95
C LYS B 14 24.02 2.67 -13.13
N GLU B 15 24.19 1.33 -13.10
CA GLU B 15 23.59 0.51 -14.12
C GLU B 15 22.07 0.42 -13.88
N LYS B 16 21.32 0.83 -14.85
CA LYS B 16 19.88 0.83 -14.93
C LYS B 16 19.30 -0.57 -14.79
N TYR B 17 19.89 -1.55 -15.48
CA TYR B 17 19.41 -2.92 -15.37
C TYR B 17 19.34 -3.35 -13.92
N TRP B 18 20.36 -3.04 -13.10
CA TRP B 18 20.34 -3.46 -11.72
C TRP B 18 19.27 -2.68 -10.93
N LYS B 19 19.08 -1.43 -11.27
CA LYS B 19 18.08 -0.58 -10.59
C LYS B 19 16.67 -1.06 -10.88
N GLN B 20 16.42 -1.38 -12.15
CA GLN B 20 15.18 -1.93 -12.60
C GLN B 20 14.84 -3.25 -11.90
N ALA B 21 15.82 -4.15 -11.77
CA ALA B 21 15.63 -5.43 -11.11
C ALA B 21 15.34 -5.27 -9.64
N ILE B 22 16.11 -4.36 -9.00
CA ILE B 22 15.92 -4.09 -7.58
C ILE B 22 14.51 -3.56 -7.31
N ALA B 23 14.03 -2.67 -8.13
CA ALA B 23 12.72 -2.06 -8.08
C ALA B 23 11.67 -3.17 -8.23
N GLU B 24 11.77 -3.94 -9.30
CA GLU B 24 10.83 -5.05 -9.48
C GLU B 24 10.75 -5.85 -8.20
N TYR B 25 11.84 -6.41 -7.67
CA TYR B 25 11.78 -7.15 -6.43
C TYR B 25 11.32 -6.37 -5.20
N GLU B 26 11.58 -5.07 -5.15
CA GLU B 26 11.10 -4.28 -4.02
C GLU B 26 9.55 -4.30 -4.08
N LYS B 27 9.07 -4.03 -5.29
CA LYS B 27 7.67 -4.08 -5.60
C LYS B 27 7.01 -5.39 -5.23
N ARG B 28 7.69 -6.51 -5.35
CA ARG B 28 7.08 -7.81 -5.02
C ARG B 28 7.20 -8.14 -3.55
N LEU B 29 8.18 -7.59 -2.85
CA LEU B 29 8.30 -7.83 -1.41
C LEU B 29 7.35 -6.91 -0.62
N GLY B 30 6.98 -5.79 -1.21
CA GLY B 30 6.14 -4.77 -0.66
C GLY B 30 4.99 -5.30 0.19
N PRO B 31 4.09 -6.06 -0.41
CA PRO B 31 2.99 -6.70 0.26
C PRO B 31 3.36 -7.60 1.42
N TYR B 32 4.52 -8.21 1.48
CA TYR B 32 4.95 -9.07 2.55
C TYR B 32 5.73 -8.37 3.65
N THR B 33 6.24 -7.17 3.40
CA THR B 33 7.05 -6.59 4.48
C THR B 33 7.59 -5.24 4.07
N LYS B 34 7.90 -4.45 5.10
CA LYS B 34 8.55 -3.18 4.66
C LYS B 34 9.96 -3.60 4.22
N ILE B 35 10.43 -3.02 3.14
CA ILE B 35 11.77 -3.31 2.65
C ILE B 35 12.59 -2.03 2.69
N ASP B 36 13.64 -2.06 3.47
CA ASP B 36 14.50 -0.83 3.45
C ASP B 36 15.81 -1.14 2.74
N ILE B 37 16.19 -0.30 1.81
CA ILE B 37 17.45 -0.39 1.11
C ILE B 37 18.30 0.88 1.40
N ILE B 38 19.18 0.74 2.37
CA ILE B 38 20.09 1.79 2.80
C ILE B 38 21.52 1.56 2.28
N GLU B 39 22.26 2.62 1.99
CA GLU B 39 23.62 2.58 1.55
C GLU B 39 24.63 3.39 2.38
N VAL B 40 25.82 2.82 2.51
CA VAL B 40 26.96 3.50 3.13
C VAL B 40 27.87 3.90 1.95
N PRO B 41 28.35 5.13 1.93
CA PRO B 41 29.21 5.62 0.89
C PRO B 41 30.44 4.70 0.79
N ASP B 42 30.84 4.40 -0.41
CA ASP B 42 32.04 3.57 -0.59
C ASP B 42 33.26 4.55 -0.52
N GLU B 43 34.26 4.04 0.16
CA GLU B 43 35.49 4.83 0.33
C GLU B 43 36.21 4.91 -1.01
N LYS B 44 36.06 5.98 -1.76
CA LYS B 44 36.76 6.16 -3.03
C LYS B 44 38.27 6.02 -2.85
N ALA B 45 38.85 5.19 -3.73
CA ALA B 45 40.24 4.84 -3.61
C ALA B 45 40.79 4.27 -4.92
N PRO B 46 42.11 4.19 -5.01
CA PRO B 46 42.71 3.61 -6.23
C PRO B 46 42.28 2.13 -6.28
N GLU B 47 42.43 1.50 -7.43
CA GLU B 47 42.08 0.09 -7.56
C GLU B 47 43.22 -0.78 -7.07
N ASN B 48 44.48 -0.45 -7.37
CA ASN B 48 45.58 -1.22 -6.83
C ASN B 48 46.06 -0.57 -5.54
N MET B 49 45.85 -1.30 -4.46
CA MET B 49 46.19 -0.88 -3.12
C MET B 49 46.98 -1.89 -2.35
N SER B 50 47.80 -1.39 -1.40
CA SER B 50 48.46 -2.32 -0.49
C SER B 50 47.40 -2.86 0.53
N ASP B 51 47.77 -3.87 1.27
CA ASP B 51 46.96 -4.47 2.31
C ASP B 51 46.64 -3.45 3.40
N LYS B 52 47.60 -2.56 3.71
CA LYS B 52 47.31 -1.50 4.66
C LYS B 52 46.24 -0.58 4.14
N GLU B 53 46.32 -0.07 2.91
CA GLU B 53 45.27 0.80 2.38
C GLU B 53 43.92 0.07 2.22
N ILE B 54 43.87 -1.20 1.93
CA ILE B 54 42.64 -1.95 1.74
C ILE B 54 41.85 -2.08 3.06
N GLU B 55 42.62 -2.44 4.11
CA GLU B 55 42.13 -2.50 5.47
C GLU B 55 41.65 -1.11 5.85
N GLN B 56 42.36 -0.10 5.36
CA GLN B 56 41.89 1.25 5.72
C GLN B 56 40.56 1.48 5.08
N VAL B 57 40.48 1.18 3.78
CA VAL B 57 39.21 1.33 3.05
C VAL B 57 38.11 0.50 3.74
N LYS B 58 38.32 -0.72 4.18
CA LYS B 58 37.38 -1.57 4.84
C LYS B 58 36.88 -1.10 6.19
N GLU B 59 37.79 -0.60 7.03
CA GLU B 59 37.44 -0.05 8.32
C GLU B 59 36.67 1.25 8.14
N LYS B 60 37.03 2.03 7.10
CA LYS B 60 36.28 3.28 6.93
C LYS B 60 34.83 2.93 6.69
N GLU B 61 34.70 2.00 5.69
CA GLU B 61 33.41 1.54 5.31
C GLU B 61 32.71 0.85 6.49
N GLY B 62 33.38 -0.01 7.20
CA GLY B 62 32.87 -0.80 8.27
C GLY B 62 32.42 -0.02 9.48
N GLN B 63 33.25 1.00 9.84
CA GLN B 63 32.84 1.89 10.90
C GLN B 63 31.52 2.59 10.45
N ARG B 64 31.31 2.88 9.16
CA ARG B 64 29.99 3.49 8.82
C ARG B 64 28.90 2.41 8.81
N ILE B 65 29.26 1.19 8.40
CA ILE B 65 28.22 0.14 8.41
C ILE B 65 27.73 -0.03 9.87
N LEU B 66 28.66 -0.27 10.80
CA LEU B 66 28.35 -0.45 12.20
C LEU B 66 27.53 0.71 12.74
N ALA B 67 27.78 1.93 12.27
CA ALA B 67 27.00 3.07 12.79
C ALA B 67 25.52 3.00 12.40
N LYS B 68 25.13 2.30 11.41
CA LYS B 68 23.79 2.16 10.92
C LYS B 68 23.04 0.97 11.50
N ILE B 69 23.73 0.01 12.07
CA ILE B 69 23.16 -1.15 12.74
C ILE B 69 22.87 -0.80 14.23
N LYS B 70 21.61 -0.96 14.59
CA LYS B 70 21.21 -0.75 16.00
C LYS B 70 21.60 -2.03 16.75
N PRO B 71 21.94 -1.90 18.01
CA PRO B 71 22.43 -2.95 18.85
C PRO B 71 21.49 -4.10 19.07
N GLN B 72 20.19 -3.87 18.91
CA GLN B 72 19.25 -4.98 19.09
C GLN B 72 19.15 -5.87 17.88
N SER B 73 19.48 -5.39 16.68
CA SER B 73 19.39 -6.09 15.44
C SER B 73 20.09 -7.37 15.17
N THR B 74 19.26 -8.30 14.55
CA THR B 74 19.92 -9.56 14.15
C THR B 74 20.73 -9.20 12.88
N VAL B 75 22.02 -9.47 12.98
CA VAL B 75 22.86 -9.07 11.83
C VAL B 75 23.20 -10.26 10.99
N ILE B 76 22.77 -10.09 9.73
CA ILE B 76 23.03 -11.10 8.72
C ILE B 76 24.10 -10.46 7.78
N THR B 77 25.21 -11.12 7.87
CA THR B 77 26.38 -10.76 7.05
C THR B 77 26.63 -11.64 5.86
N LEU B 78 26.59 -11.03 4.67
CA LEU B 78 26.89 -11.75 3.42
C LEU B 78 28.42 -11.86 3.28
N GLU B 79 28.85 -13.11 3.45
CA GLU B 79 30.30 -13.39 3.36
C GLU B 79 30.49 -14.77 2.76
N ILE B 80 31.35 -14.90 1.76
CA ILE B 80 31.63 -16.16 1.10
C ILE B 80 31.95 -17.28 2.06
N GLN B 81 32.67 -17.04 3.14
CA GLN B 81 33.05 -18.15 4.05
C GLN B 81 32.00 -18.50 5.06
N GLY B 82 30.95 -17.70 5.17
CA GLY B 82 29.83 -17.87 6.03
C GLY B 82 29.03 -19.13 5.75
N LYS B 83 27.86 -19.25 6.41
CA LYS B 83 27.05 -20.46 6.29
C LYS B 83 26.31 -20.62 5.00
N MET B 84 26.50 -21.77 4.35
CA MET B 84 25.76 -21.98 3.09
C MET B 84 24.40 -22.62 3.32
N LEU B 85 23.34 -21.82 3.28
CA LEU B 85 22.00 -22.35 3.42
C LEU B 85 21.36 -22.57 2.03
N SER B 86 20.37 -23.47 1.99
CA SER B 86 19.57 -23.67 0.77
C SER B 86 18.50 -22.56 0.83
N SER B 87 17.64 -22.46 -0.16
CA SER B 87 16.58 -21.46 -0.10
C SER B 87 15.63 -21.81 1.05
N GLU B 88 15.38 -23.08 1.24
CA GLU B 88 14.54 -23.56 2.34
C GLU B 88 15.17 -23.21 3.68
N GLY B 89 16.45 -23.49 3.85
CA GLY B 89 17.23 -23.15 5.04
C GLY B 89 17.14 -21.70 5.38
N LEU B 90 17.23 -20.78 4.40
CA LEU B 90 17.07 -19.36 4.74
C LEU B 90 15.67 -19.01 5.22
N ALA B 91 14.65 -19.69 4.69
CA ALA B 91 13.26 -19.38 5.06
C ALA B 91 13.03 -19.85 6.52
N GLN B 92 13.60 -20.96 6.82
CA GLN B 92 13.62 -21.62 8.08
C GLN B 92 14.34 -20.79 9.14
N GLU B 93 15.55 -20.30 8.74
CA GLU B 93 16.31 -19.47 9.62
C GLU B 93 15.47 -18.26 10.03
N LEU B 94 14.97 -17.54 9.05
CA LEU B 94 14.24 -16.32 9.27
C LEU B 94 12.91 -16.55 9.97
N ASN B 95 12.33 -17.74 9.72
CA ASN B 95 11.02 -18.04 10.29
C ASN B 95 11.13 -18.26 11.79
N GLN B 96 12.06 -19.16 12.12
CA GLN B 96 12.36 -19.44 13.52
C GLN B 96 12.62 -18.12 14.26
N ARG B 97 13.66 -17.43 13.75
CA ARG B 97 14.04 -16.12 14.26
C ARG B 97 12.86 -15.18 14.41
N MET B 98 11.97 -15.03 13.44
CA MET B 98 10.85 -14.08 13.49
C MET B 98 9.82 -14.48 14.57
N THR B 99 9.70 -15.80 14.69
CA THR B 99 8.77 -16.36 15.66
C THR B 99 9.16 -15.94 17.06
N GLN B 100 10.46 -15.96 17.33
CA GLN B 100 11.04 -15.65 18.60
C GLN B 100 11.31 -14.21 18.91
N GLY B 101 10.56 -13.23 18.42
CA GLY B 101 10.79 -11.86 18.70
C GLY B 101 11.52 -11.01 17.69
N GLN B 102 12.53 -11.52 16.97
CA GLN B 102 13.24 -10.60 16.04
C GLN B 102 12.31 -10.12 14.95
N SER B 103 12.22 -8.84 14.64
CA SER B 103 11.38 -8.25 13.61
C SER B 103 12.17 -7.38 12.62
N ASP B 104 13.41 -7.07 12.96
CA ASP B 104 14.21 -6.25 12.05
C ASP B 104 15.54 -6.95 11.80
N PHE B 105 15.62 -7.45 10.58
CA PHE B 105 16.83 -8.21 10.18
C PHE B 105 17.67 -7.29 9.34
N VAL B 106 18.96 -7.29 9.59
CA VAL B 106 19.80 -6.38 8.73
C VAL B 106 20.67 -7.20 7.82
N PHE B 107 20.42 -7.19 6.51
CA PHE B 107 21.35 -7.88 5.60
C PHE B 107 22.48 -6.95 5.18
N VAL B 108 23.75 -7.29 5.48
CA VAL B 108 24.77 -6.32 4.97
C VAL B 108 25.62 -6.80 3.82
N ILE B 109 25.78 -5.95 2.83
CA ILE B 109 26.63 -6.20 1.67
C ILE B 109 27.81 -5.19 1.66
N GLY B 110 29.01 -5.72 1.77
CA GLY B 110 30.20 -4.86 1.78
C GLY B 110 30.56 -4.38 0.37
N GLY B 111 31.58 -3.55 0.27
CA GLY B 111 32.06 -2.99 -0.99
C GLY B 111 33.03 -3.93 -1.69
N SER B 112 33.66 -3.46 -2.76
CA SER B 112 34.61 -4.19 -3.56
C SER B 112 35.64 -4.95 -2.70
N ASN B 113 36.15 -4.27 -1.67
CA ASN B 113 37.13 -4.85 -0.77
C ASN B 113 36.61 -5.71 0.35
N GLY B 114 35.32 -6.09 0.33
CA GLY B 114 34.79 -6.96 1.39
C GLY B 114 34.46 -6.21 2.69
N LEU B 115 34.17 -6.98 3.76
CA LEU B 115 33.81 -6.30 5.04
C LEU B 115 34.93 -6.35 6.05
N HIS B 116 35.08 -5.29 6.80
CA HIS B 116 36.13 -5.35 7.87
C HIS B 116 35.81 -6.40 8.93
N LYS B 117 36.76 -6.75 9.80
CA LYS B 117 36.57 -7.75 10.81
C LYS B 117 35.59 -7.31 11.91
N ASP B 118 35.49 -6.01 12.13
CA ASP B 118 34.63 -5.35 13.05
C ASP B 118 33.18 -5.67 12.71
N VAL B 119 32.91 -5.62 11.41
CA VAL B 119 31.50 -6.00 11.00
C VAL B 119 31.42 -7.49 11.19
N LEU B 120 32.37 -8.30 10.74
CA LEU B 120 32.20 -9.76 11.01
C LEU B 120 32.03 -10.03 12.49
N GLN B 121 32.71 -9.31 13.39
CA GLN B 121 32.58 -9.57 14.83
C GLN B 121 31.16 -9.26 15.32
N ARG B 122 30.58 -8.15 14.85
CA ARG B 122 29.21 -7.79 15.21
C ARG B 122 28.15 -8.73 14.66
N SER B 123 28.51 -9.54 13.63
CA SER B 123 27.50 -10.35 13.00
C SER B 123 26.82 -11.40 13.86
N ASN B 124 25.48 -11.51 13.63
CA ASN B 124 24.71 -12.56 14.31
C ASN B 124 24.66 -13.84 13.52
N TYR B 125 25.00 -13.76 12.23
CA TYR B 125 24.93 -14.96 11.38
C TYR B 125 25.69 -14.68 10.07
N ALA B 126 26.64 -15.56 9.80
CA ALA B 126 27.43 -15.45 8.56
C ALA B 126 26.77 -16.27 7.46
N LEU B 127 26.12 -15.58 6.53
CA LEU B 127 25.41 -16.31 5.44
C LEU B 127 26.21 -16.33 4.13
N SER B 128 26.54 -17.51 3.59
CA SER B 128 27.19 -17.41 2.25
C SER B 128 26.20 -17.76 1.12
N PHE B 129 26.20 -17.01 0.04
CA PHE B 129 25.43 -17.34 -1.16
C PHE B 129 26.20 -18.23 -2.14
N SER B 130 27.51 -18.31 -2.00
CA SER B 130 28.33 -19.07 -2.95
C SER B 130 29.81 -19.07 -2.49
N LYS B 131 30.60 -19.91 -3.14
CA LYS B 131 32.03 -19.96 -2.90
C LYS B 131 32.67 -19.00 -3.93
N MET B 132 31.85 -18.71 -4.96
CA MET B 132 32.33 -17.82 -6.00
C MET B 132 32.12 -16.37 -5.53
N THR B 133 32.79 -15.45 -6.22
CA THR B 133 32.66 -14.05 -5.88
C THR B 133 31.69 -13.36 -6.83
N PHE B 134 30.71 -12.67 -6.30
CA PHE B 134 29.76 -11.93 -7.12
C PHE B 134 30.08 -10.47 -6.79
N PRO B 135 30.15 -9.64 -7.81
CA PRO B 135 30.43 -8.22 -7.57
C PRO B 135 29.27 -7.70 -6.70
N HIS B 136 29.52 -6.84 -5.74
CA HIS B 136 28.49 -6.32 -4.86
C HIS B 136 27.27 -5.74 -5.53
N GLN B 137 27.29 -5.07 -6.64
CA GLN B 137 26.05 -4.61 -7.29
C GLN B 137 25.13 -5.79 -7.63
N MET B 138 25.68 -6.81 -8.31
CA MET B 138 24.86 -7.97 -8.69
C MET B 138 24.38 -8.71 -7.46
N MET B 139 25.21 -8.70 -6.41
CA MET B 139 24.89 -9.35 -5.16
C MET B 139 23.61 -8.75 -4.56
N ARG B 140 23.37 -7.47 -4.82
CA ARG B 140 22.20 -6.81 -4.26
C ARG B 140 20.93 -7.34 -4.93
N VAL B 141 20.95 -7.48 -6.25
CA VAL B 141 19.77 -8.02 -6.95
C VAL B 141 19.55 -9.45 -6.50
N VAL B 142 20.66 -10.23 -6.45
CA VAL B 142 20.52 -11.62 -6.02
C VAL B 142 19.95 -11.73 -4.61
N LEU B 143 20.35 -10.85 -3.70
CA LEU B 143 19.88 -10.92 -2.33
C LEU B 143 18.39 -10.64 -2.21
N ILE B 144 17.95 -9.57 -2.85
CA ILE B 144 16.56 -9.15 -2.77
C ILE B 144 15.67 -10.19 -3.42
N GLU B 145 16.19 -10.90 -4.45
CA GLU B 145 15.40 -11.97 -5.07
C GLU B 145 15.26 -13.12 -4.05
N GLN B 146 16.40 -13.46 -3.40
CA GLN B 146 16.39 -14.52 -2.42
C GLN B 146 15.55 -14.21 -1.17
N VAL B 147 15.35 -12.92 -0.81
CA VAL B 147 14.57 -12.60 0.36
C VAL B 147 13.06 -12.79 -0.03
N TYR B 148 12.73 -12.26 -1.17
CA TYR B 148 11.42 -12.49 -1.75
C TYR B 148 11.15 -14.00 -1.81
N ARG B 149 12.11 -14.77 -2.32
CA ARG B 149 11.90 -16.26 -2.38
C ARG B 149 11.65 -16.78 -0.99
N ALA B 150 12.45 -16.25 0.01
CA ALA B 150 12.22 -16.81 1.36
C ALA B 150 10.86 -16.39 1.91
N PHE B 151 10.25 -15.31 1.48
CA PHE B 151 8.94 -14.90 2.00
C PHE B 151 7.78 -15.67 1.36
N LYS B 152 7.98 -16.05 0.07
CA LYS B 152 7.04 -16.93 -0.59
C LYS B 152 7.11 -18.34 -0.01
N ILE B 153 8.30 -18.82 0.31
CA ILE B 153 8.43 -20.13 0.96
C ILE B 153 7.83 -20.09 2.37
N MET B 154 8.06 -18.97 3.11
CA MET B 154 7.52 -18.93 4.44
C MET B 154 5.99 -19.02 4.39
N ARG B 155 5.36 -18.47 3.36
CA ARG B 155 3.92 -18.49 3.25
C ARG B 155 3.33 -19.65 2.50
N GLY B 156 4.13 -20.64 2.11
CA GLY B 156 3.73 -21.81 1.35
C GLY B 156 3.23 -21.47 -0.04
N GLU B 157 3.64 -20.31 -0.56
CA GLU B 157 3.21 -19.86 -1.86
C GLU B 157 4.14 -20.40 -2.94
N ALA B 158 3.59 -21.01 -3.96
CA ALA B 158 4.32 -21.56 -5.08
C ALA B 158 5.13 -20.47 -5.79
N TYR B 159 6.38 -20.76 -6.04
CA TYR B 159 7.37 -19.91 -6.63
C TYR B 159 8.59 -20.77 -7.09
N LEU C 3 -30.47 10.76 -12.39
CA LEU C 3 -29.54 11.81 -12.72
C LEU C 3 -28.07 11.44 -12.61
N LYS C 4 -27.63 10.82 -11.52
CA LYS C 4 -26.18 10.47 -11.47
C LYS C 4 -25.94 9.00 -11.19
N ILE C 5 -24.99 8.39 -11.88
CA ILE C 5 -24.63 6.98 -11.66
C ILE C 5 -23.08 6.90 -11.55
N THR C 6 -22.64 6.30 -10.47
CA THR C 6 -21.26 6.14 -10.11
C THR C 6 -20.87 4.66 -10.04
N ILE C 7 -19.71 4.31 -10.56
CA ILE C 7 -19.22 2.93 -10.42
C ILE C 7 -17.98 3.01 -9.51
N LEU C 8 -18.16 2.72 -8.24
CA LEU C 8 -17.10 2.75 -7.26
C LEU C 8 -16.45 1.38 -7.11
N ALA C 9 -15.29 1.19 -7.77
CA ALA C 9 -14.63 -0.10 -7.70
C ALA C 9 -13.27 -0.07 -7.04
N VAL C 10 -12.86 -1.20 -6.49
CA VAL C 10 -11.54 -1.35 -5.95
C VAL C 10 -10.53 -1.90 -7.00
N GLY C 11 -9.46 -1.18 -7.27
CA GLY C 11 -8.39 -1.57 -8.19
C GLY C 11 -8.24 -0.66 -9.37
N LYS C 12 -7.11 -0.71 -10.14
CA LYS C 12 -7.09 0.21 -11.32
C LYS C 12 -7.02 -0.55 -12.61
N LEU C 13 -7.71 -0.04 -13.64
CA LEU C 13 -7.65 -0.75 -14.95
C LEU C 13 -6.29 -0.48 -15.57
N LYS C 14 -5.47 -1.53 -15.68
CA LYS C 14 -4.14 -1.37 -16.24
C LYS C 14 -4.19 -1.66 -17.74
N GLU C 15 -4.71 -2.83 -18.08
CA GLU C 15 -4.79 -3.27 -19.46
C GLU C 15 -5.75 -2.46 -20.30
N LYS C 16 -5.19 -1.71 -21.24
CA LYS C 16 -5.84 -0.85 -22.17
C LYS C 16 -7.17 -1.31 -22.69
N TYR C 17 -7.39 -2.61 -22.90
CA TYR C 17 -8.62 -3.09 -23.48
C TYR C 17 -9.83 -3.01 -22.55
N TRP C 18 -9.57 -2.95 -21.25
CA TRP C 18 -10.67 -2.87 -20.27
C TRP C 18 -11.16 -1.41 -20.24
N LYS C 19 -10.23 -0.50 -20.29
CA LYS C 19 -10.44 0.93 -20.38
C LYS C 19 -11.24 1.23 -21.64
N GLN C 20 -10.74 0.71 -22.78
CA GLN C 20 -11.49 0.91 -24.02
C GLN C 20 -12.89 0.33 -23.91
N ALA C 21 -13.05 -0.80 -23.21
CA ALA C 21 -14.39 -1.37 -23.04
C ALA C 21 -15.26 -0.38 -22.25
N ILE C 22 -14.75 0.09 -21.13
CA ILE C 22 -15.50 1.01 -20.26
C ILE C 22 -15.94 2.29 -20.94
N ALA C 23 -14.99 3.00 -21.59
CA ALA C 23 -15.30 4.23 -22.28
C ALA C 23 -16.48 4.01 -23.24
N GLU C 24 -16.40 2.93 -24.01
CA GLU C 24 -17.51 2.64 -24.93
C GLU C 24 -18.84 2.72 -24.18
N TYR C 25 -18.95 1.96 -23.09
CA TYR C 25 -20.18 1.96 -22.31
C TYR C 25 -20.49 3.32 -21.74
N GLU C 26 -19.49 4.05 -21.26
CA GLU C 26 -19.71 5.43 -20.83
C GLU C 26 -20.25 6.30 -21.96
N LYS C 27 -19.60 6.34 -23.11
CA LYS C 27 -20.08 7.19 -24.22
C LYS C 27 -21.56 6.91 -24.43
N ARG C 28 -21.94 5.63 -24.43
CA ARG C 28 -23.35 5.29 -24.62
C ARG C 28 -24.22 5.59 -23.43
N LEU C 29 -23.68 5.72 -22.22
CA LEU C 29 -24.51 6.11 -21.08
C LEU C 29 -24.67 7.62 -20.98
N GLY C 30 -23.71 8.36 -21.50
CA GLY C 30 -23.60 9.80 -21.50
C GLY C 30 -24.88 10.57 -21.69
N PRO C 31 -25.56 10.30 -22.81
CA PRO C 31 -26.82 10.94 -23.13
C PRO C 31 -27.94 10.66 -22.15
N TYR C 32 -27.91 9.55 -21.42
CA TYR C 32 -28.95 9.17 -20.49
C TYR C 32 -28.80 9.69 -19.05
N THR C 33 -27.66 9.45 -18.46
CA THR C 33 -27.38 9.81 -17.08
C THR C 33 -25.93 10.28 -17.01
N LYS C 34 -25.60 10.94 -15.89
CA LYS C 34 -24.20 11.31 -15.67
C LYS C 34 -23.49 10.00 -15.30
N ILE C 35 -22.56 9.47 -16.05
CA ILE C 35 -21.85 8.26 -15.57
C ILE C 35 -20.57 8.72 -14.85
N ASP C 36 -20.19 8.11 -13.74
CA ASP C 36 -18.94 8.55 -13.10
C ASP C 36 -18.17 7.34 -12.58
N ILE C 37 -16.98 7.07 -13.12
CA ILE C 37 -16.21 5.94 -12.61
C ILE C 37 -15.13 6.42 -11.66
N ILE C 38 -15.16 5.92 -10.44
CA ILE C 38 -14.14 6.34 -9.45
C ILE C 38 -13.40 5.14 -8.95
N GLU C 39 -12.10 5.00 -9.22
CA GLU C 39 -11.33 3.87 -8.80
C GLU C 39 -10.55 4.07 -7.49
N VAL C 40 -10.74 3.19 -6.51
CA VAL C 40 -9.97 3.28 -5.27
C VAL C 40 -8.96 2.14 -5.23
N PRO C 41 -7.73 2.44 -4.82
CA PRO C 41 -6.63 1.53 -4.76
C PRO C 41 -6.81 0.30 -3.91
N ASP C 42 -6.46 -0.86 -4.51
CA ASP C 42 -6.61 -2.12 -3.77
C ASP C 42 -5.58 -2.16 -2.68
N GLU C 43 -5.67 -3.10 -1.76
CA GLU C 43 -4.72 -3.22 -0.66
C GLU C 43 -3.80 -4.40 -0.96
N LYS C 44 -2.73 -4.14 -1.69
CA LYS C 44 -1.77 -5.19 -2.02
C LYS C 44 -1.46 -6.07 -0.82
N ALA C 45 -1.29 -7.37 -1.05
CA ALA C 45 -0.99 -8.28 0.03
C ALA C 45 -0.48 -9.64 -0.47
N PRO C 46 -0.08 -10.50 0.47
CA PRO C 46 0.39 -11.84 0.16
C PRO C 46 -0.73 -12.63 -0.49
N GLU C 47 -0.42 -13.78 -1.08
CA GLU C 47 -1.51 -14.54 -1.71
C GLU C 47 -2.07 -15.52 -0.70
N ASN C 48 -1.20 -16.02 0.20
CA ASN C 48 -1.70 -16.89 1.27
C ASN C 48 -1.67 -16.04 2.57
N MET C 49 -2.82 -15.69 3.14
CA MET C 49 -2.83 -14.92 4.37
C MET C 49 -3.90 -15.35 5.33
N SER C 50 -3.68 -15.11 6.62
CA SER C 50 -4.68 -15.53 7.62
C SER C 50 -6.01 -14.85 7.38
N ASP C 51 -6.98 -15.25 8.21
CA ASP C 51 -8.30 -14.61 8.18
C ASP C 51 -8.18 -13.19 8.71
N LYS C 52 -7.24 -12.95 9.65
CA LYS C 52 -7.03 -11.61 10.15
C LYS C 52 -6.48 -10.70 9.08
N GLU C 53 -5.54 -11.22 8.29
CA GLU C 53 -4.98 -10.42 7.18
C GLU C 53 -6.02 -10.12 6.16
N ILE C 54 -6.95 -11.05 5.90
CA ILE C 54 -8.05 -10.79 4.94
C ILE C 54 -8.86 -9.59 5.41
N GLU C 55 -9.35 -9.72 6.65
CA GLU C 55 -10.15 -8.65 7.26
C GLU C 55 -9.42 -7.33 7.17
N GLN C 56 -8.08 -7.36 7.40
CA GLN C 56 -7.38 -6.07 7.30
C GLN C 56 -7.44 -5.55 5.86
N VAL C 57 -7.26 -6.45 4.88
CA VAL C 57 -7.31 -5.95 3.48
C VAL C 57 -8.68 -5.38 3.23
N LYS C 58 -9.70 -6.11 3.59
CA LYS C 58 -11.10 -5.61 3.35
C LYS C 58 -11.37 -4.31 4.05
N GLU C 59 -10.87 -4.20 5.29
CA GLU C 59 -11.06 -2.96 6.04
C GLU C 59 -10.43 -1.74 5.39
N LYS C 60 -9.17 -1.82 4.91
CA LYS C 60 -8.57 -0.67 4.27
C LYS C 60 -9.16 -0.31 2.93
N GLU C 61 -9.65 -1.29 2.16
CA GLU C 61 -10.30 -0.94 0.90
C GLU C 61 -11.66 -0.33 1.23
N GLY C 62 -12.25 -0.80 2.35
CA GLY C 62 -13.57 -0.31 2.70
C GLY C 62 -13.60 1.12 3.16
N GLN C 63 -12.49 1.57 3.81
CA GLN C 63 -12.62 2.96 4.34
C GLN C 63 -12.50 3.95 3.21
N ARG C 64 -11.79 3.60 2.15
CA ARG C 64 -11.65 4.43 0.96
C ARG C 64 -12.97 4.44 0.19
N ILE C 65 -13.62 3.26 0.19
CA ILE C 65 -14.91 3.07 -0.45
C ILE C 65 -15.93 3.99 0.21
N LEU C 66 -16.13 3.82 1.51
CA LEU C 66 -17.09 4.62 2.24
C LEU C 66 -16.89 6.11 2.15
N ALA C 67 -15.64 6.58 2.16
CA ALA C 67 -15.47 8.06 2.14
C ALA C 67 -15.80 8.65 0.81
N LYS C 68 -16.00 7.85 -0.22
CA LYS C 68 -16.34 8.38 -1.56
C LYS C 68 -17.84 8.39 -1.72
N ILE C 69 -18.54 7.81 -0.71
CA ILE C 69 -20.01 7.78 -0.85
C ILE C 69 -20.70 8.84 -0.01
N LYS C 70 -21.18 9.89 -0.66
CA LYS C 70 -21.95 10.94 0.04
C LYS C 70 -23.15 10.27 0.74
N PRO C 71 -23.56 10.81 1.87
CA PRO C 71 -24.65 10.35 2.67
C PRO C 71 -25.97 9.98 2.02
N GLN C 72 -26.37 10.73 1.00
CA GLN C 72 -27.64 10.52 0.36
C GLN C 72 -27.71 9.38 -0.64
N SER C 73 -26.60 8.92 -1.18
CA SER C 73 -26.55 7.90 -2.19
C SER C 73 -27.19 6.55 -1.92
N THR C 74 -27.70 5.96 -3.04
CA THR C 74 -28.27 4.57 -2.87
C THR C 74 -27.08 3.63 -3.08
N VAL C 75 -26.64 2.89 -2.09
CA VAL C 75 -25.51 1.98 -2.28
C VAL C 75 -25.86 0.56 -2.69
N ILE C 76 -25.42 0.13 -3.87
CA ILE C 76 -25.68 -1.30 -4.29
C ILE C 76 -24.39 -2.06 -4.32
N THR C 77 -24.20 -3.00 -3.34
CA THR C 77 -23.02 -3.80 -3.25
C THR C 77 -23.09 -5.06 -4.17
N LEU C 78 -22.01 -5.29 -4.90
CA LEU C 78 -21.93 -6.48 -5.79
C LEU C 78 -21.48 -7.68 -5.00
N GLU C 79 -22.43 -8.58 -4.70
CA GLU C 79 -22.08 -9.75 -3.90
C GLU C 79 -22.65 -11.04 -4.54
N ILE C 80 -21.84 -12.08 -4.53
CA ILE C 80 -22.20 -13.36 -5.05
C ILE C 80 -23.44 -13.93 -4.37
N GLN C 81 -23.60 -13.64 -3.09
CA GLN C 81 -24.70 -14.08 -2.27
C GLN C 81 -25.90 -13.18 -2.30
N GLY C 82 -25.85 -12.08 -3.03
CA GLY C 82 -26.97 -11.13 -3.13
C GLY C 82 -28.08 -11.60 -4.05
N LYS C 83 -29.04 -10.70 -4.34
CA LYS C 83 -30.18 -11.07 -5.17
C LYS C 83 -29.78 -11.20 -6.64
N MET C 84 -30.13 -12.31 -7.26
CA MET C 84 -29.82 -12.53 -8.65
C MET C 84 -30.96 -12.01 -9.53
N LEU C 85 -30.92 -10.79 -9.92
CA LEU C 85 -31.85 -10.14 -10.78
C LEU C 85 -31.53 -10.42 -12.28
N SER C 86 -32.57 -10.45 -13.07
CA SER C 86 -32.48 -10.48 -14.52
C SER C 86 -32.28 -9.00 -14.96
N SER C 87 -31.94 -8.76 -16.18
CA SER C 87 -31.74 -7.45 -16.76
C SER C 87 -33.00 -6.58 -16.58
N GLU C 88 -34.14 -7.13 -16.82
CA GLU C 88 -35.43 -6.47 -16.63
C GLU C 88 -35.61 -6.18 -15.13
N GLY C 89 -35.26 -7.14 -14.27
CA GLY C 89 -35.32 -6.93 -12.83
C GLY C 89 -34.48 -5.76 -12.38
N LEU C 90 -33.28 -5.56 -12.95
CA LEU C 90 -32.41 -4.48 -12.54
C LEU C 90 -33.05 -3.12 -12.94
N ALA C 91 -33.61 -3.12 -14.12
CA ALA C 91 -34.30 -1.97 -14.66
C ALA C 91 -35.44 -1.55 -13.72
N GLN C 92 -36.27 -2.52 -13.32
CA GLN C 92 -37.38 -2.18 -12.44
C GLN C 92 -36.91 -1.70 -11.05
N GLU C 93 -35.88 -2.32 -10.50
CA GLU C 93 -35.39 -1.93 -9.20
C GLU C 93 -34.77 -0.53 -9.19
N LEU C 94 -34.16 -0.16 -10.32
CA LEU C 94 -33.51 1.14 -10.39
C LEU C 94 -34.54 2.25 -10.58
N ASN C 95 -35.51 1.92 -11.38
CA ASN C 95 -36.59 2.73 -11.81
C ASN C 95 -37.52 3.09 -10.65
N GLN C 96 -37.80 2.09 -9.81
CA GLN C 96 -38.63 2.24 -8.66
C GLN C 96 -37.93 3.19 -7.65
N ARG C 97 -36.62 2.99 -7.48
CA ARG C 97 -35.88 3.86 -6.56
C ARG C 97 -35.88 5.29 -7.06
N MET C 98 -35.54 5.51 -8.34
CA MET C 98 -35.52 6.88 -8.85
C MET C 98 -36.88 7.50 -8.73
N THR C 99 -37.94 6.69 -8.91
CA THR C 99 -39.30 7.20 -8.73
C THR C 99 -39.50 7.72 -7.31
N GLN C 100 -39.04 6.99 -6.32
CA GLN C 100 -39.16 7.28 -4.93
C GLN C 100 -38.19 8.29 -4.34
N GLY C 101 -37.35 8.97 -5.11
CA GLY C 101 -36.45 9.93 -4.49
C GLY C 101 -34.99 9.72 -4.64
N GLN C 102 -34.54 8.53 -5.04
CA GLN C 102 -33.07 8.32 -5.21
C GLN C 102 -32.62 8.69 -6.58
N SER C 103 -31.59 9.52 -6.73
CA SER C 103 -31.15 9.93 -8.09
C SER C 103 -29.62 9.77 -8.19
N ASP C 104 -29.06 9.44 -7.04
CA ASP C 104 -27.62 9.26 -6.88
C ASP C 104 -27.35 7.83 -6.40
N PHE C 105 -26.97 6.99 -7.36
CA PHE C 105 -26.69 5.60 -7.15
C PHE C 105 -25.23 5.20 -7.18
N VAL C 106 -24.77 4.50 -6.13
CA VAL C 106 -23.40 4.07 -6.15
C VAL C 106 -23.23 2.54 -6.18
N PHE C 107 -22.85 2.02 -7.34
CA PHE C 107 -22.60 0.55 -7.40
C PHE C 107 -21.18 0.29 -6.90
N VAL C 108 -21.06 -0.55 -5.86
CA VAL C 108 -19.75 -0.85 -5.34
C VAL C 108 -19.22 -2.22 -5.73
N ILE C 109 -17.97 -2.21 -6.24
CA ILE C 109 -17.32 -3.48 -6.57
C ILE C 109 -16.11 -3.63 -5.62
N GLY C 110 -16.07 -4.62 -4.79
CA GLY C 110 -14.99 -4.91 -3.88
C GLY C 110 -13.73 -5.46 -4.54
N GLY C 111 -12.73 -5.78 -3.72
CA GLY C 111 -11.46 -6.26 -4.14
C GLY C 111 -11.42 -7.78 -4.20
N SER C 112 -10.27 -8.35 -4.57
CA SER C 112 -10.18 -9.80 -4.67
C SER C 112 -10.72 -10.53 -3.48
N ASN C 113 -10.60 -10.00 -2.26
CA ASN C 113 -11.10 -10.71 -1.08
C ASN C 113 -12.50 -10.31 -0.65
N GLY C 114 -13.22 -9.52 -1.43
CA GLY C 114 -14.53 -9.08 -1.10
C GLY C 114 -14.70 -7.83 -0.28
N LEU C 115 -15.98 -7.53 0.06
CA LEU C 115 -16.32 -6.33 0.78
C LEU C 115 -16.31 -6.54 2.31
N HIS C 116 -15.86 -5.46 2.97
CA HIS C 116 -15.80 -5.41 4.41
C HIS C 116 -17.18 -5.11 4.97
N LYS C 117 -17.53 -5.73 6.09
CA LYS C 117 -18.85 -5.43 6.73
C LYS C 117 -19.18 -3.99 6.79
N ASP C 118 -18.31 -3.02 7.02
CA ASP C 118 -18.77 -1.62 7.01
C ASP C 118 -19.43 -1.26 5.68
N VAL C 119 -18.84 -1.78 4.57
CA VAL C 119 -19.44 -1.48 3.27
C VAL C 119 -20.78 -2.28 3.22
N LEU C 120 -20.71 -3.49 3.75
CA LEU C 120 -21.89 -4.33 3.74
C LEU C 120 -23.05 -3.64 4.46
N GLN C 121 -22.74 -3.14 5.67
CA GLN C 121 -23.77 -2.50 6.50
C GLN C 121 -24.25 -1.23 5.85
N ARG C 122 -23.39 -0.57 5.06
CA ARG C 122 -23.88 0.63 4.38
C ARG C 122 -24.69 0.34 3.14
N SER C 123 -24.64 -0.89 2.58
CA SER C 123 -25.40 -1.06 1.35
C SER C 123 -26.90 -1.18 1.61
N ASN C 124 -27.62 -0.58 0.69
CA ASN C 124 -29.08 -0.60 0.66
C ASN C 124 -29.58 -1.81 -0.14
N TYR C 125 -28.65 -2.46 -0.86
CA TYR C 125 -29.13 -3.59 -1.71
C TYR C 125 -27.95 -4.41 -2.25
N ALA C 126 -27.98 -5.68 -1.94
CA ALA C 126 -27.01 -6.68 -2.33
C ALA C 126 -27.47 -7.28 -3.66
N LEU C 127 -26.59 -7.13 -4.67
CA LEU C 127 -26.82 -7.55 -6.01
C LEU C 127 -25.84 -8.62 -6.48
N SER C 128 -26.38 -9.75 -6.96
CA SER C 128 -25.58 -10.82 -7.50
C SER C 128 -25.65 -10.89 -9.03
N PHE C 129 -24.51 -10.81 -9.67
CA PHE C 129 -24.44 -10.96 -11.11
C PHE C 129 -24.24 -12.43 -11.53
N SER C 130 -23.82 -13.30 -10.64
CA SER C 130 -23.53 -14.69 -11.04
C SER C 130 -23.10 -15.49 -9.82
N LYS C 131 -23.08 -16.81 -9.91
CA LYS C 131 -22.58 -17.65 -8.83
C LYS C 131 -21.09 -17.84 -8.99
N MET C 132 -20.64 -17.49 -10.22
CA MET C 132 -19.24 -17.58 -10.57
C MET C 132 -18.50 -16.32 -10.15
N THR C 133 -17.22 -16.45 -9.90
CA THR C 133 -16.39 -15.29 -9.53
C THR C 133 -15.81 -14.72 -10.83
N PHE C 134 -15.80 -13.45 -11.06
CA PHE C 134 -15.25 -12.75 -12.19
C PHE C 134 -14.11 -11.84 -11.65
N PRO C 135 -13.08 -11.63 -12.42
CA PRO C 135 -11.97 -10.77 -12.00
C PRO C 135 -12.49 -9.34 -11.93
N HIS C 136 -11.89 -8.49 -11.08
CA HIS C 136 -12.41 -7.13 -10.89
C HIS C 136 -12.52 -6.34 -12.13
N GLN C 137 -11.58 -6.45 -13.10
CA GLN C 137 -11.69 -5.64 -14.27
C GLN C 137 -12.96 -5.92 -15.07
N MET C 138 -13.18 -7.20 -15.33
CA MET C 138 -14.33 -7.64 -16.13
C MET C 138 -15.62 -7.27 -15.43
N MET C 139 -15.70 -7.49 -14.11
CA MET C 139 -16.93 -7.14 -13.38
C MET C 139 -17.36 -5.70 -13.62
N ARG C 140 -16.42 -4.74 -13.59
CA ARG C 140 -16.70 -3.34 -13.87
C ARG C 140 -17.29 -3.19 -15.27
N VAL C 141 -16.69 -3.89 -16.23
CA VAL C 141 -17.19 -3.82 -17.61
C VAL C 141 -18.61 -4.36 -17.70
N VAL C 142 -18.81 -5.54 -17.09
CA VAL C 142 -20.13 -6.18 -17.05
C VAL C 142 -21.14 -5.27 -16.35
N LEU C 143 -20.76 -4.61 -15.26
CA LEU C 143 -21.63 -3.66 -14.58
C LEU C 143 -22.07 -2.50 -15.41
N ILE C 144 -21.15 -1.76 -16.05
CA ILE C 144 -21.52 -0.60 -16.86
C ILE C 144 -22.41 -0.97 -18.00
N GLU C 145 -22.08 -2.07 -18.70
CA GLU C 145 -22.97 -2.51 -19.80
C GLU C 145 -24.34 -2.82 -19.20
N GLN C 146 -24.41 -3.39 -17.99
CA GLN C 146 -25.75 -3.78 -17.47
C GLN C 146 -26.54 -2.54 -17.01
N VAL C 147 -25.82 -1.59 -16.46
CA VAL C 147 -26.38 -0.27 -16.12
C VAL C 147 -26.88 0.40 -17.40
N TYR C 148 -26.16 0.26 -18.51
CA TYR C 148 -26.65 0.87 -19.76
C TYR C 148 -27.84 0.12 -20.30
N ARG C 149 -27.75 -1.23 -20.25
CA ARG C 149 -28.93 -2.00 -20.71
C ARG C 149 -30.14 -1.59 -19.86
N ALA C 150 -29.89 -1.44 -18.54
CA ALA C 150 -30.96 -1.01 -17.63
C ALA C 150 -31.71 0.19 -18.20
N PHE C 151 -31.00 1.29 -18.46
CA PHE C 151 -31.59 2.48 -19.05
C PHE C 151 -32.36 2.25 -20.33
N LYS C 152 -31.81 1.52 -21.31
CA LYS C 152 -32.56 1.28 -22.54
C LYS C 152 -33.91 0.61 -22.26
N ILE C 153 -33.96 -0.29 -21.28
CA ILE C 153 -35.20 -1.01 -20.95
C ILE C 153 -36.16 -0.06 -20.23
N MET C 154 -35.60 0.82 -19.39
CA MET C 154 -36.48 1.77 -18.65
C MET C 154 -37.12 2.74 -19.66
N ARG C 155 -36.36 3.11 -20.67
CA ARG C 155 -36.73 3.99 -21.75
C ARG C 155 -37.47 3.26 -22.86
N GLY C 156 -37.77 1.97 -22.67
CA GLY C 156 -38.45 1.16 -23.65
C GLY C 156 -37.80 1.28 -25.02
N GLU C 157 -36.47 1.24 -25.05
CA GLU C 157 -35.71 1.34 -26.28
C GLU C 157 -35.27 -0.03 -26.79
N ALA C 158 -35.25 -0.16 -28.13
CA ALA C 158 -34.85 -1.39 -28.77
C ALA C 158 -33.41 -1.73 -28.36
N TYR C 159 -33.21 -2.91 -27.79
CA TYR C 159 -31.89 -3.34 -27.35
C TYR C 159 -31.92 -4.65 -26.60
N LEU D 3 -7.04 -30.81 -22.65
CA LEU D 3 -6.45 -31.17 -23.94
C LEU D 3 -6.94 -30.26 -25.05
N LYS D 4 -8.27 -30.23 -25.19
CA LYS D 4 -8.89 -29.39 -26.20
C LYS D 4 -10.06 -28.56 -25.71
N ILE D 5 -9.89 -27.22 -25.84
CA ILE D 5 -10.91 -26.27 -25.56
C ILE D 5 -11.21 -25.48 -26.85
N THR D 6 -12.50 -25.41 -27.15
CA THR D 6 -12.98 -24.68 -28.32
C THR D 6 -14.15 -23.80 -27.95
N ILE D 7 -14.08 -22.54 -28.39
CA ILE D 7 -15.19 -21.59 -28.14
C ILE D 7 -15.84 -21.30 -29.49
N LEU D 8 -16.99 -21.91 -29.69
CA LEU D 8 -17.77 -21.75 -30.93
C LEU D 8 -18.93 -20.75 -30.71
N ALA D 9 -18.74 -19.51 -31.14
CA ALA D 9 -19.67 -18.44 -30.99
C ALA D 9 -20.29 -18.01 -32.32
N VAL D 10 -21.49 -17.45 -32.20
CA VAL D 10 -22.19 -16.89 -33.33
C VAL D 10 -21.88 -15.38 -33.37
N GLY D 11 -21.57 -14.92 -34.57
CA GLY D 11 -21.23 -13.54 -34.84
C GLY D 11 -19.69 -13.39 -34.77
N LYS D 12 -19.21 -12.31 -35.35
CA LYS D 12 -17.76 -12.07 -35.32
C LYS D 12 -17.50 -10.91 -34.37
N LEU D 13 -16.47 -11.05 -33.55
CA LEU D 13 -16.23 -9.93 -32.60
C LEU D 13 -15.51 -8.85 -33.35
N LYS D 14 -15.87 -7.56 -33.17
CA LYS D 14 -15.19 -6.53 -33.90
C LYS D 14 -14.09 -5.87 -33.05
N GLU D 15 -14.55 -5.36 -31.90
CA GLU D 15 -13.76 -4.53 -31.07
C GLU D 15 -12.39 -4.99 -30.72
N LYS D 16 -11.43 -4.13 -31.21
CA LYS D 16 -10.02 -4.41 -30.89
C LYS D 16 -9.90 -4.78 -29.44
N TYR D 17 -10.45 -4.02 -28.48
CA TYR D 17 -10.36 -4.36 -27.09
C TYR D 17 -10.89 -5.71 -26.68
N TRP D 18 -11.95 -6.26 -27.24
CA TRP D 18 -12.45 -7.58 -26.85
C TRP D 18 -11.47 -8.65 -27.41
N LYS D 19 -10.93 -8.36 -28.59
CA LYS D 19 -9.97 -9.20 -29.27
C LYS D 19 -8.71 -9.36 -28.41
N GLN D 20 -8.20 -8.24 -27.93
CA GLN D 20 -7.02 -8.21 -27.08
C GLN D 20 -7.22 -9.02 -25.80
N ALA D 21 -8.43 -8.94 -25.22
CA ALA D 21 -8.75 -9.61 -23.99
C ALA D 21 -8.87 -11.12 -24.18
N ILE D 22 -9.53 -11.50 -25.28
CA ILE D 22 -9.72 -12.89 -25.62
C ILE D 22 -8.41 -13.57 -26.00
N ALA D 23 -7.43 -12.77 -26.45
CA ALA D 23 -6.14 -13.29 -26.86
C ALA D 23 -5.27 -13.47 -25.62
N GLU D 24 -5.50 -12.64 -24.62
CA GLU D 24 -4.73 -12.79 -23.35
C GLU D 24 -5.11 -14.12 -22.72
N TYR D 25 -6.40 -14.42 -22.61
CA TYR D 25 -6.79 -15.71 -22.03
C TYR D 25 -6.41 -16.87 -22.91
N GLU D 26 -6.37 -16.69 -24.23
CA GLU D 26 -5.93 -17.74 -25.14
C GLU D 26 -4.50 -18.17 -24.75
N LYS D 27 -3.63 -17.20 -24.51
CA LYS D 27 -2.28 -17.53 -24.06
C LYS D 27 -2.31 -18.18 -22.70
N ARG D 28 -2.92 -17.54 -21.69
CA ARG D 28 -2.95 -18.14 -20.34
C ARG D 28 -3.33 -19.61 -20.37
N LEU D 29 -4.31 -19.99 -21.19
CA LEU D 29 -4.72 -21.39 -21.30
C LEU D 29 -3.74 -22.25 -22.08
N GLY D 30 -2.85 -21.65 -22.87
CA GLY D 30 -1.89 -22.36 -23.68
C GLY D 30 -1.40 -23.63 -22.98
N PRO D 31 -0.60 -23.45 -21.93
CA PRO D 31 -0.02 -24.45 -21.12
C PRO D 31 -0.92 -25.52 -20.57
N TYR D 32 -2.23 -25.28 -20.39
CA TYR D 32 -3.13 -26.26 -19.85
C TYR D 32 -3.93 -27.02 -20.90
N THR D 33 -3.99 -26.52 -22.12
CA THR D 33 -4.89 -27.18 -23.11
C THR D 33 -4.77 -26.53 -24.46
N LYS D 34 -5.16 -27.26 -25.50
CA LYS D 34 -5.08 -26.55 -26.84
C LYS D 34 -6.30 -25.64 -26.83
N ILE D 35 -6.22 -24.43 -27.37
CA ILE D 35 -7.43 -23.59 -27.35
C ILE D 35 -7.67 -22.94 -28.68
N ASP D 36 -8.92 -22.97 -29.17
CA ASP D 36 -9.24 -22.27 -30.42
C ASP D 36 -10.66 -21.74 -30.46
N ILE D 37 -10.83 -20.61 -31.16
CA ILE D 37 -12.13 -19.97 -31.30
C ILE D 37 -12.53 -19.96 -32.78
N ILE D 38 -13.75 -20.37 -33.03
CA ILE D 38 -14.37 -20.42 -34.33
C ILE D 38 -15.59 -19.49 -34.39
N GLU D 39 -15.50 -18.41 -35.14
CA GLU D 39 -16.62 -17.49 -35.27
C GLU D 39 -17.53 -17.88 -36.43
N VAL D 40 -18.79 -18.17 -36.13
CA VAL D 40 -19.74 -18.49 -37.22
C VAL D 40 -20.49 -17.21 -37.55
N PRO D 41 -20.60 -16.85 -38.81
CA PRO D 41 -21.34 -15.65 -39.18
C PRO D 41 -22.75 -15.68 -38.60
N ASP D 42 -23.17 -14.54 -38.07
CA ASP D 42 -24.51 -14.41 -37.53
C ASP D 42 -25.56 -14.52 -38.64
N LYS D 52 -42.28 -16.94 -34.94
CA LYS D 52 -42.10 -17.80 -36.14
C LYS D 52 -40.77 -17.50 -36.78
N GLU D 53 -40.53 -16.26 -37.21
CA GLU D 53 -39.30 -15.87 -37.85
C GLU D 53 -38.08 -15.91 -36.96
N ILE D 54 -38.26 -15.92 -35.65
CA ILE D 54 -37.16 -16.01 -34.68
C ILE D 54 -36.69 -17.47 -34.65
N GLU D 55 -37.51 -18.36 -35.22
CA GLU D 55 -37.20 -19.77 -35.29
C GLU D 55 -36.45 -20.10 -36.54
N GLN D 56 -36.70 -19.39 -37.65
CA GLN D 56 -35.96 -19.76 -38.87
C GLN D 56 -34.57 -19.17 -38.95
N VAL D 57 -34.29 -18.10 -38.23
CA VAL D 57 -32.97 -17.43 -38.27
C VAL D 57 -31.99 -18.26 -37.42
N LYS D 58 -32.58 -18.79 -36.32
CA LYS D 58 -31.87 -19.63 -35.42
C LYS D 58 -31.35 -20.86 -36.18
N GLU D 59 -32.31 -21.48 -36.89
CA GLU D 59 -32.02 -22.70 -37.62
C GLU D 59 -30.84 -22.46 -38.55
N LYS D 60 -30.84 -21.36 -39.29
CA LYS D 60 -29.76 -21.01 -40.19
C LYS D 60 -28.42 -21.05 -39.44
N GLU D 61 -28.41 -20.36 -38.28
CA GLU D 61 -27.29 -20.31 -37.41
C GLU D 61 -26.86 -21.67 -36.88
N GLY D 62 -27.83 -22.37 -36.27
CA GLY D 62 -27.51 -23.67 -35.68
C GLY D 62 -26.90 -24.62 -36.70
N GLN D 63 -27.48 -24.60 -37.92
CA GLN D 63 -26.93 -25.40 -38.99
C GLN D 63 -25.49 -25.05 -39.28
N ARG D 64 -25.07 -23.82 -39.10
CA ARG D 64 -23.67 -23.47 -39.33
C ARG D 64 -22.83 -23.89 -38.12
N ILE D 65 -23.51 -23.84 -36.96
CA ILE D 65 -22.83 -24.22 -35.72
C ILE D 65 -22.55 -25.72 -35.72
N LEU D 66 -23.57 -26.52 -36.10
CA LEU D 66 -23.38 -27.96 -35.99
C LEU D 66 -22.25 -28.50 -36.82
N ALA D 67 -22.06 -27.83 -37.98
CA ALA D 67 -21.00 -28.22 -38.91
C ALA D 67 -19.65 -28.17 -38.23
N LYS D 68 -19.56 -27.22 -37.26
CA LYS D 68 -18.31 -27.03 -36.57
C LYS D 68 -18.14 -27.92 -35.36
N ILE D 69 -19.13 -28.75 -35.03
CA ILE D 69 -18.95 -29.64 -33.87
C ILE D 69 -18.71 -31.08 -34.24
N LYS D 70 -17.55 -31.63 -33.86
CA LYS D 70 -17.31 -33.05 -34.13
C LYS D 70 -18.24 -33.86 -33.23
N PRO D 71 -18.56 -35.06 -33.68
CA PRO D 71 -19.49 -35.91 -33.01
C PRO D 71 -19.24 -36.23 -31.57
N GLN D 72 -18.00 -36.52 -31.20
CA GLN D 72 -17.63 -36.94 -29.88
C GLN D 72 -17.52 -35.79 -28.87
N SER D 73 -17.04 -34.66 -29.37
CA SER D 73 -16.83 -33.47 -28.65
C SER D 73 -17.86 -33.23 -27.54
N THR D 74 -17.34 -32.75 -26.41
CA THR D 74 -18.19 -32.35 -25.30
C THR D 74 -18.68 -30.92 -25.51
N VAL D 75 -19.98 -30.79 -25.78
CA VAL D 75 -20.58 -29.49 -26.06
C VAL D 75 -21.26 -28.93 -24.82
N ILE D 76 -20.82 -27.75 -24.37
CA ILE D 76 -21.51 -27.14 -23.20
C ILE D 76 -22.18 -25.84 -23.68
N THR D 77 -23.52 -25.79 -23.50
CA THR D 77 -24.27 -24.68 -23.99
C THR D 77 -24.48 -23.60 -22.93
N LEU D 78 -24.28 -22.34 -23.34
CA LEU D 78 -24.49 -21.24 -22.34
C LEU D 78 -25.97 -20.88 -22.36
N GLU D 79 -26.67 -21.16 -21.29
CA GLU D 79 -28.09 -20.92 -21.15
C GLU D 79 -28.45 -20.16 -19.90
N ILE D 80 -29.09 -19.00 -20.03
CA ILE D 80 -29.50 -18.23 -18.85
C ILE D 80 -30.31 -19.12 -17.93
N GLN D 81 -31.10 -20.05 -18.49
CA GLN D 81 -31.88 -21.02 -17.75
C GLN D 81 -31.05 -22.24 -17.33
N GLY D 82 -29.86 -22.42 -17.88
CA GLY D 82 -28.95 -23.51 -17.54
C GLY D 82 -28.66 -23.62 -16.07
N LYS D 83 -27.64 -24.42 -15.68
CA LYS D 83 -27.35 -24.52 -14.25
C LYS D 83 -26.40 -23.40 -13.82
N MET D 84 -26.60 -22.92 -12.61
CA MET D 84 -25.82 -21.83 -12.07
C MET D 84 -24.68 -22.24 -11.19
N LEU D 85 -23.61 -22.76 -11.81
CA LEU D 85 -22.47 -23.20 -11.04
C LEU D 85 -21.64 -22.05 -10.50
N SER D 86 -20.95 -22.34 -9.39
CA SER D 86 -19.99 -21.32 -8.89
C SER D 86 -18.70 -21.65 -9.67
N SER D 87 -17.63 -20.90 -9.40
CA SER D 87 -16.37 -21.20 -10.08
C SER D 87 -15.81 -22.54 -9.70
N GLU D 88 -15.99 -23.00 -8.49
CA GLU D 88 -15.47 -24.29 -8.02
C GLU D 88 -16.33 -25.42 -8.62
N GLY D 89 -17.62 -25.11 -8.81
CA GLY D 89 -18.55 -26.05 -9.41
C GLY D 89 -18.17 -26.38 -10.83
N LEU D 90 -17.83 -25.32 -11.60
CA LEU D 90 -17.46 -25.57 -12.97
C LEU D 90 -16.20 -26.43 -13.01
N ALA D 91 -15.22 -26.04 -12.18
CA ALA D 91 -13.93 -26.77 -12.20
C ALA D 91 -14.17 -28.26 -11.95
N GLN D 92 -14.92 -28.55 -10.90
CA GLN D 92 -15.26 -29.93 -10.60
C GLN D 92 -15.82 -30.65 -11.83
N GLU D 93 -16.93 -30.13 -12.34
CA GLU D 93 -17.57 -30.72 -13.53
C GLU D 93 -16.53 -30.96 -14.59
N LEU D 94 -15.72 -29.92 -14.95
CA LEU D 94 -14.73 -30.19 -15.97
C LEU D 94 -13.79 -31.32 -15.56
N ASN D 95 -13.45 -31.41 -14.29
CA ASN D 95 -12.55 -32.38 -13.75
C ASN D 95 -13.15 -33.79 -13.92
N GLN D 96 -14.42 -33.90 -13.56
CA GLN D 96 -15.15 -35.16 -13.74
C GLN D 96 -15.00 -35.62 -15.21
N ARG D 97 -15.47 -34.87 -16.16
CA ARG D 97 -15.41 -35.22 -17.58
C ARG D 97 -14.03 -35.62 -18.11
N MET D 98 -12.97 -34.93 -17.71
CA MET D 98 -11.64 -35.28 -18.27
C MET D 98 -11.19 -36.62 -17.68
N THR D 99 -11.59 -36.79 -16.42
CA THR D 99 -11.31 -37.98 -15.65
C THR D 99 -11.96 -39.21 -16.21
N GLN D 100 -13.07 -39.04 -16.89
CA GLN D 100 -13.83 -40.13 -17.54
C GLN D 100 -13.54 -40.19 -19.01
N GLY D 101 -12.43 -39.60 -19.44
CA GLY D 101 -11.93 -39.55 -20.75
C GLY D 101 -12.25 -38.41 -21.65
N GLN D 102 -13.13 -37.48 -21.27
CA GLN D 102 -13.42 -36.38 -22.23
C GLN D 102 -12.27 -35.41 -22.30
N SER D 103 -11.91 -34.95 -23.50
CA SER D 103 -10.76 -34.05 -23.65
C SER D 103 -10.97 -32.98 -24.69
N ASP D 104 -12.00 -33.13 -25.51
CA ASP D 104 -12.32 -32.16 -26.57
C ASP D 104 -13.61 -31.42 -26.18
N PHE D 105 -13.55 -30.21 -25.76
CA PHE D 105 -14.63 -29.38 -25.25
C PHE D 105 -14.93 -28.17 -26.10
N VAL D 106 -16.23 -28.07 -26.43
CA VAL D 106 -16.80 -26.98 -27.18
C VAL D 106 -17.84 -26.26 -26.32
N PHE D 107 -17.53 -24.99 -26.05
CA PHE D 107 -18.53 -24.20 -25.28
C PHE D 107 -19.23 -23.38 -26.37
N VAL D 108 -20.56 -23.43 -26.39
CA VAL D 108 -21.21 -22.69 -27.48
C VAL D 108 -22.08 -21.58 -27.00
N ILE D 109 -21.87 -20.44 -27.71
CA ILE D 109 -22.64 -19.25 -27.42
C ILE D 109 -23.50 -18.93 -28.66
N GLY D 110 -24.81 -18.88 -28.40
CA GLY D 110 -25.79 -18.61 -29.43
C GLY D 110 -25.83 -17.18 -29.89
N GLY D 111 -26.77 -16.89 -30.77
CA GLY D 111 -26.91 -15.56 -31.34
C GLY D 111 -27.77 -14.67 -30.44
N SER D 112 -28.09 -13.46 -30.91
CA SER D 112 -28.92 -12.53 -30.17
C SER D 112 -30.30 -13.09 -29.86
N ASN D 113 -30.75 -14.13 -30.58
CA ASN D 113 -32.03 -14.75 -30.34
C ASN D 113 -31.94 -16.04 -29.55
N GLY D 114 -30.78 -16.35 -28.94
CA GLY D 114 -30.72 -17.65 -28.20
C GLY D 114 -30.24 -18.71 -29.26
N LEU D 115 -30.31 -19.95 -28.87
CA LEU D 115 -29.86 -21.09 -29.64
C LEU D 115 -30.93 -21.91 -30.29
N HIS D 116 -30.73 -22.40 -31.52
CA HIS D 116 -31.89 -23.18 -32.10
C HIS D 116 -32.06 -24.52 -31.44
N LYS D 117 -33.24 -25.12 -31.52
CA LYS D 117 -33.47 -26.43 -30.95
C LYS D 117 -32.46 -27.50 -31.27
N ASP D 118 -31.92 -27.53 -32.52
CA ASP D 118 -30.97 -28.55 -32.89
C ASP D 118 -29.63 -28.41 -32.22
N VAL D 119 -29.30 -27.15 -31.84
CA VAL D 119 -28.04 -26.94 -31.13
C VAL D 119 -28.22 -27.46 -29.70
N LEU D 120 -29.18 -26.90 -29.01
CA LEU D 120 -29.54 -27.30 -27.67
C LEU D 120 -29.54 -28.80 -27.50
N GLN D 121 -30.30 -29.50 -28.39
CA GLN D 121 -30.36 -30.94 -28.28
C GLN D 121 -28.96 -31.57 -28.30
N ARG D 122 -28.09 -31.08 -29.16
CA ARG D 122 -26.75 -31.59 -29.25
C ARG D 122 -25.95 -31.37 -27.98
N SER D 123 -26.21 -30.25 -27.30
CA SER D 123 -25.47 -29.96 -26.10
C SER D 123 -25.54 -31.14 -25.11
N ASN D 124 -24.39 -31.26 -24.44
CA ASN D 124 -24.16 -32.24 -23.41
C ASN D 124 -24.27 -31.55 -22.01
N TYR D 125 -24.16 -30.24 -21.94
CA TYR D 125 -24.31 -29.54 -20.65
C TYR D 125 -24.70 -28.04 -20.77
N ALA D 126 -25.67 -27.66 -20.02
CA ALA D 126 -26.30 -26.36 -19.97
C ALA D 126 -25.91 -25.50 -18.77
N LEU D 127 -25.08 -24.50 -19.09
CA LEU D 127 -24.49 -23.69 -18.00
C LEU D 127 -25.09 -22.30 -17.92
N SER D 128 -25.35 -21.81 -16.72
CA SER D 128 -25.83 -20.41 -16.60
C SER D 128 -24.82 -19.54 -15.85
N PHE D 129 -24.29 -18.47 -16.45
CA PHE D 129 -23.42 -17.53 -15.81
C PHE D 129 -24.18 -16.48 -14.99
N SER D 130 -25.39 -16.17 -15.34
CA SER D 130 -26.18 -15.10 -14.74
C SER D 130 -27.66 -15.12 -15.10
N LYS D 131 -28.48 -14.42 -14.31
CA LYS D 131 -29.91 -14.27 -14.68
C LYS D 131 -30.00 -13.03 -15.60
N MET D 132 -28.98 -12.20 -15.65
CA MET D 132 -28.96 -11.07 -16.55
C MET D 132 -28.49 -11.46 -17.96
N THR D 133 -28.68 -10.51 -18.85
CA THR D 133 -28.31 -10.70 -20.26
C THR D 133 -27.07 -9.91 -20.59
N PHE D 134 -26.02 -10.57 -21.08
CA PHE D 134 -24.77 -9.92 -21.45
C PHE D 134 -24.66 -9.99 -22.98
N PRO D 135 -24.12 -8.97 -23.63
CA PRO D 135 -23.94 -9.03 -25.09
C PRO D 135 -23.06 -10.24 -25.41
N HIS D 136 -23.09 -10.73 -26.64
CA HIS D 136 -22.41 -11.87 -27.14
C HIS D 136 -20.90 -11.75 -27.11
N GLN D 137 -20.38 -10.58 -27.46
CA GLN D 137 -18.92 -10.38 -27.41
C GLN D 137 -18.40 -10.51 -25.99
N MET D 138 -19.13 -9.91 -25.04
CA MET D 138 -18.75 -9.89 -23.63
C MET D 138 -18.83 -11.28 -23.00
N MET D 139 -19.83 -12.04 -23.32
CA MET D 139 -20.06 -13.38 -22.87
C MET D 139 -18.91 -14.33 -23.25
N ARG D 140 -18.33 -14.09 -24.41
CA ARG D 140 -17.24 -14.87 -24.95
C ARG D 140 -15.98 -14.65 -24.09
N VAL D 141 -15.71 -13.43 -23.76
CA VAL D 141 -14.57 -13.06 -22.89
C VAL D 141 -14.84 -13.61 -21.50
N VAL D 142 -16.03 -13.35 -20.95
CA VAL D 142 -16.32 -13.89 -19.57
C VAL D 142 -16.11 -15.39 -19.59
N LEU D 143 -16.67 -16.07 -20.65
CA LEU D 143 -16.47 -17.50 -20.74
C LEU D 143 -15.04 -17.93 -20.82
N ILE D 144 -14.21 -17.40 -21.70
CA ILE D 144 -12.82 -17.87 -21.74
C ILE D 144 -12.12 -17.63 -20.42
N GLU D 145 -12.39 -16.52 -19.72
CA GLU D 145 -11.72 -16.28 -18.42
C GLU D 145 -12.14 -17.35 -17.42
N GLN D 146 -13.45 -17.67 -17.45
CA GLN D 146 -13.92 -18.67 -16.48
C GLN D 146 -13.32 -20.04 -16.73
N VAL D 147 -13.01 -20.35 -17.99
CA VAL D 147 -12.43 -21.66 -18.30
C VAL D 147 -11.05 -21.76 -17.71
N TYR D 148 -10.21 -20.76 -17.87
CA TYR D 148 -8.91 -20.64 -17.32
C TYR D 148 -8.95 -20.69 -15.79
N ARG D 149 -9.88 -19.93 -15.17
CA ARG D 149 -10.06 -19.96 -13.72
C ARG D 149 -10.35 -21.39 -13.27
N ALA D 150 -11.22 -22.09 -14.04
CA ALA D 150 -11.54 -23.48 -13.67
C ALA D 150 -10.30 -24.35 -13.74
N PHE D 151 -9.45 -24.19 -14.70
CA PHE D 151 -8.18 -24.94 -14.79
C PHE D 151 -7.33 -24.53 -13.57
N LYS D 152 -7.11 -23.22 -13.39
CA LYS D 152 -6.41 -22.78 -12.14
C LYS D 152 -6.97 -23.46 -10.90
N ILE D 153 -8.28 -23.57 -10.73
CA ILE D 153 -8.84 -24.29 -9.55
C ILE D 153 -8.57 -25.78 -9.59
N MET D 154 -8.76 -26.45 -10.70
CA MET D 154 -8.52 -27.90 -10.81
C MET D 154 -7.06 -28.23 -10.44
N ARG D 155 -6.17 -27.35 -10.83
CA ARG D 155 -4.75 -27.51 -10.52
C ARG D 155 -4.35 -27.07 -9.13
N GLY D 156 -5.24 -26.31 -8.42
CA GLY D 156 -4.94 -25.77 -7.15
C GLY D 156 -3.88 -24.69 -7.17
N GLU D 157 -3.75 -23.93 -8.26
CA GLU D 157 -2.76 -22.88 -8.39
C GLU D 157 -3.34 -21.53 -7.98
N ALA D 158 -2.58 -20.72 -7.25
CA ALA D 158 -3.15 -19.45 -6.76
C ALA D 158 -3.81 -18.72 -7.92
N TYR D 159 -4.92 -18.03 -7.65
CA TYR D 159 -5.61 -17.23 -8.63
C TYR D 159 -6.86 -16.55 -8.07
N LEU E 3 -8.49 29.49 0.22
CA LEU E 3 -9.24 28.79 -0.81
C LEU E 3 -10.12 27.70 -0.24
N LYS E 4 -9.58 26.61 0.27
CA LYS E 4 -10.44 25.57 0.89
C LYS E 4 -9.73 25.10 2.18
N ILE E 5 -10.28 25.45 3.34
CA ILE E 5 -9.66 25.04 4.62
C ILE E 5 -10.51 23.94 5.23
N THR E 6 -9.97 22.71 5.22
CA THR E 6 -10.75 21.60 5.79
C THR E 6 -10.14 21.26 7.15
N ILE E 7 -11.00 21.22 8.18
CA ILE E 7 -10.49 20.83 9.49
C ILE E 7 -11.04 19.45 9.76
N LEU E 8 -10.11 18.49 9.60
CA LEU E 8 -10.41 17.10 9.81
C LEU E 8 -10.04 16.81 11.31
N ALA E 9 -11.12 16.55 12.01
CA ALA E 9 -11.01 16.36 13.45
C ALA E 9 -11.64 15.08 13.92
N VAL E 10 -10.93 14.35 14.77
CA VAL E 10 -11.38 13.13 15.35
C VAL E 10 -12.26 13.40 16.60
N GLY E 11 -13.45 12.87 16.57
CA GLY E 11 -14.37 13.00 17.70
C GLY E 11 -15.47 13.99 17.34
N LYS E 12 -16.62 13.84 17.98
CA LYS E 12 -17.74 14.73 17.72
C LYS E 12 -17.95 15.66 18.89
N LEU E 13 -18.45 16.87 18.58
CA LEU E 13 -18.71 17.82 19.65
C LEU E 13 -20.03 17.44 20.32
N LYS E 14 -20.07 17.59 21.64
CA LYS E 14 -21.29 17.31 22.38
C LYS E 14 -21.87 18.60 22.94
N GLU E 15 -21.10 19.32 23.76
CA GLU E 15 -21.59 20.56 24.35
C GLU E 15 -21.94 21.62 23.34
N LYS E 16 -22.99 22.40 23.61
CA LYS E 16 -23.44 23.48 22.78
C LYS E 16 -22.52 24.69 22.82
N TYR E 17 -21.75 24.85 23.90
CA TYR E 17 -20.88 26.02 23.97
C TYR E 17 -19.69 25.86 23.04
N TRP E 18 -19.22 24.62 22.85
CA TRP E 18 -18.07 24.44 21.92
C TRP E 18 -18.60 24.73 20.51
N LYS E 19 -19.72 24.11 20.21
CA LYS E 19 -20.44 24.31 18.95
C LYS E 19 -20.59 25.79 18.62
N GLN E 20 -21.02 26.59 19.57
CA GLN E 20 -21.19 28.02 19.34
C GLN E 20 -19.86 28.72 19.17
N ALA E 21 -18.84 28.33 19.95
CA ALA E 21 -17.52 28.94 19.79
C ALA E 21 -16.98 28.75 18.38
N ILE E 22 -17.08 27.53 17.85
CA ILE E 22 -16.60 27.29 16.47
C ILE E 22 -17.41 28.18 15.54
N ALA E 23 -18.73 28.11 15.70
CA ALA E 23 -19.68 28.89 14.97
C ALA E 23 -19.30 30.34 14.83
N GLU E 24 -18.86 31.02 15.89
CA GLU E 24 -18.52 32.43 15.74
C GLU E 24 -17.21 32.66 14.99
N TYR E 25 -16.43 31.60 14.80
CA TYR E 25 -15.15 31.78 14.09
C TYR E 25 -15.37 31.31 12.66
N GLU E 26 -16.13 30.23 12.54
CA GLU E 26 -16.53 29.65 11.27
C GLU E 26 -17.21 30.68 10.38
N LYS E 27 -18.06 31.53 10.93
CA LYS E 27 -18.70 32.60 10.14
C LYS E 27 -17.73 33.75 9.91
N ARG E 28 -16.67 33.88 10.70
CA ARG E 28 -15.72 34.97 10.52
C ARG E 28 -14.58 34.66 9.58
N LEU E 29 -14.49 33.39 9.20
CA LEU E 29 -13.55 32.88 8.24
C LEU E 29 -14.29 32.75 6.88
N GLY E 30 -15.59 33.01 7.00
CA GLY E 30 -16.51 32.97 5.89
C GLY E 30 -16.02 33.78 4.70
N PRO E 31 -15.74 35.06 4.90
CA PRO E 31 -15.30 35.96 3.86
C PRO E 31 -14.03 35.51 3.15
N TYR E 32 -13.02 35.10 3.92
CA TYR E 32 -11.74 34.73 3.44
C TYR E 32 -11.61 33.34 2.88
N THR E 33 -12.45 32.36 3.14
CA THR E 33 -12.21 31.00 2.59
C THR E 33 -13.37 30.04 2.80
N LYS E 34 -13.48 29.09 1.83
CA LYS E 34 -14.50 28.03 2.04
C LYS E 34 -13.87 27.09 3.11
N ILE E 35 -14.50 27.05 4.24
CA ILE E 35 -14.10 26.35 5.43
C ILE E 35 -14.99 25.15 5.68
N ASP E 36 -14.40 24.00 5.96
CA ASP E 36 -15.24 22.80 6.21
C ASP E 36 -14.73 22.00 7.42
N ILE E 37 -15.62 21.68 8.35
CA ILE E 37 -15.35 20.91 9.53
C ILE E 37 -15.84 19.48 9.28
N ILE E 38 -14.95 18.51 9.31
CA ILE E 38 -15.32 17.11 9.04
C ILE E 38 -14.98 16.27 10.26
N GLU E 39 -16.02 15.87 11.01
CA GLU E 39 -15.79 15.15 12.25
C GLU E 39 -15.58 13.69 12.01
N VAL E 40 -14.40 13.18 12.28
CA VAL E 40 -14.11 11.74 12.09
C VAL E 40 -14.41 11.02 13.39
N PRO E 41 -15.19 9.98 13.39
CA PRO E 41 -15.57 9.31 14.59
C PRO E 41 -14.39 8.82 15.41
N ASP E 42 -14.59 8.98 16.72
CA ASP E 42 -13.54 8.49 17.62
C ASP E 42 -13.71 6.99 17.83
N GLU E 43 -12.60 6.26 17.79
CA GLU E 43 -12.66 4.85 18.12
C GLU E 43 -12.88 4.71 19.65
N LYS E 44 -14.16 4.66 20.03
CA LYS E 44 -14.50 4.44 21.45
C LYS E 44 -13.78 3.22 21.97
N ALA E 45 -13.18 3.32 23.16
CA ALA E 45 -12.38 2.17 23.65
C ALA E 45 -12.22 2.25 25.15
N PRO E 46 -11.70 1.20 25.76
CA PRO E 46 -11.46 1.21 27.19
C PRO E 46 -10.51 2.36 27.56
N GLU E 47 -10.33 2.58 28.85
CA GLU E 47 -9.41 3.60 29.33
C GLU E 47 -8.01 3.02 29.46
N ASN E 48 -7.85 1.85 30.06
CA ASN E 48 -6.57 1.22 30.20
C ASN E 48 -6.34 0.20 29.08
N MET E 49 -5.60 0.56 28.06
CA MET E 49 -5.26 -0.28 26.93
C MET E 49 -3.79 -0.70 26.91
N SER E 50 -3.57 -1.72 26.07
CA SER E 50 -2.19 -2.19 25.92
C SER E 50 -1.61 -1.47 24.70
N ASP E 51 -0.28 -1.64 24.51
CA ASP E 51 0.32 -0.98 23.32
C ASP E 51 -0.45 -1.40 22.07
N LYS E 52 -0.67 -2.69 21.88
CA LYS E 52 -1.45 -3.19 20.77
C LYS E 52 -2.76 -2.48 20.59
N GLU E 53 -3.61 -2.38 21.63
CA GLU E 53 -4.92 -1.73 21.51
C GLU E 53 -4.82 -0.26 21.15
N ILE E 54 -3.90 0.42 21.84
CA ILE E 54 -3.67 1.83 21.54
C ILE E 54 -3.36 2.03 20.07
N GLU E 55 -2.43 1.16 19.54
CA GLU E 55 -2.12 1.39 18.09
C GLU E 55 -3.32 1.06 17.25
N GLN E 56 -4.19 0.14 17.71
CA GLN E 56 -5.38 -0.17 16.92
C GLN E 56 -6.31 1.04 16.88
N VAL E 57 -6.48 1.75 18.00
CA VAL E 57 -7.33 2.93 17.99
C VAL E 57 -6.77 3.98 17.04
N LYS E 58 -5.47 4.24 17.17
CA LYS E 58 -4.83 5.23 16.25
C LYS E 58 -4.97 4.72 14.83
N GLU E 59 -4.68 3.40 14.66
CA GLU E 59 -4.77 2.82 13.34
C GLU E 59 -6.11 3.04 12.68
N LYS E 60 -7.22 2.76 13.39
CA LYS E 60 -8.52 2.91 12.77
C LYS E 60 -8.94 4.33 12.58
N GLU E 61 -8.56 5.22 13.50
CA GLU E 61 -8.85 6.66 13.31
C GLU E 61 -7.96 7.17 12.15
N GLY E 62 -6.72 6.71 12.12
CA GLY E 62 -5.80 7.11 11.04
C GLY E 62 -6.34 6.65 9.67
N GLN E 63 -7.01 5.48 9.62
CA GLN E 63 -7.60 5.04 8.37
C GLN E 63 -8.78 5.96 7.99
N ARG E 64 -9.55 6.38 8.99
CA ARG E 64 -10.73 7.17 8.63
C ARG E 64 -10.34 8.57 8.18
N ILE E 65 -9.20 9.06 8.74
CA ILE E 65 -8.77 10.41 8.41
C ILE E 65 -8.22 10.49 6.99
N LEU E 66 -7.33 9.56 6.76
CA LEU E 66 -6.59 9.41 5.53
C LEU E 66 -7.41 9.18 4.29
N ALA E 67 -8.60 8.59 4.47
CA ALA E 67 -9.46 8.29 3.30
C ALA E 67 -10.30 9.53 2.96
N LYS E 68 -10.12 10.60 3.77
CA LYS E 68 -10.87 11.83 3.44
C LYS E 68 -9.86 12.78 2.81
N ILE E 69 -8.62 12.33 2.71
CA ILE E 69 -7.54 13.19 2.27
C ILE E 69 -7.10 13.02 0.83
N LYS E 70 -7.33 14.06 0.02
CA LYS E 70 -6.89 13.98 -1.40
C LYS E 70 -5.37 14.00 -1.43
N PRO E 71 -4.76 13.46 -2.47
CA PRO E 71 -3.33 13.42 -2.60
C PRO E 71 -2.68 14.74 -2.93
N GLN E 72 -3.45 15.79 -3.18
CA GLN E 72 -2.99 17.09 -3.54
C GLN E 72 -3.05 18.14 -2.44
N SER E 73 -3.70 17.80 -1.35
CA SER E 73 -3.91 18.72 -0.25
C SER E 73 -2.68 18.98 0.57
N THR E 74 -2.50 20.21 0.97
CA THR E 74 -1.38 20.46 1.94
C THR E 74 -1.87 20.04 3.33
N VAL E 75 -1.36 18.95 3.85
CA VAL E 75 -1.79 18.47 5.15
C VAL E 75 -0.97 19.10 6.27
N ILE E 76 -1.67 19.75 7.19
CA ILE E 76 -1.03 20.31 8.40
C ILE E 76 -1.60 19.58 9.62
N THR E 77 -0.80 18.70 10.22
CA THR E 77 -1.21 17.92 11.35
C THR E 77 -0.88 18.68 12.66
N LEU E 78 -1.88 18.70 13.54
CA LEU E 78 -1.69 19.40 14.81
C LEU E 78 -0.95 18.44 15.72
N GLU E 79 0.31 18.75 16.03
CA GLU E 79 1.08 17.83 16.87
C GLU E 79 1.83 18.59 17.95
N ILE E 80 1.92 18.03 19.17
CA ILE E 80 2.61 18.70 20.25
C ILE E 80 4.09 18.88 19.94
N GLN E 81 4.68 17.89 19.31
CA GLN E 81 6.06 17.91 18.92
C GLN E 81 6.35 18.63 17.63
N GLY E 82 5.35 19.23 17.00
CA GLY E 82 5.49 19.95 15.76
C GLY E 82 6.18 21.30 15.95
N LYS E 83 6.16 22.11 14.87
CA LYS E 83 6.81 23.41 14.97
C LYS E 83 5.97 24.37 15.81
N MET E 84 6.57 25.11 16.71
CA MET E 84 5.82 26.07 17.52
C MET E 84 5.98 27.47 16.98
N LEU E 85 5.12 27.83 16.08
CA LEU E 85 5.04 29.11 15.46
C LEU E 85 4.22 30.09 16.32
N SER E 86 4.58 31.34 16.15
CA SER E 86 3.83 32.46 16.77
C SER E 86 2.70 32.76 15.79
N SER E 87 1.72 33.53 16.11
CA SER E 87 0.62 33.95 15.24
C SER E 87 1.09 34.52 13.90
N GLU E 88 2.08 35.39 13.94
CA GLU E 88 2.69 35.99 12.77
C GLU E 88 3.45 34.93 11.99
N GLY E 89 4.09 34.02 12.70
CA GLY E 89 4.78 32.90 12.03
C GLY E 89 3.77 32.04 11.26
N LEU E 90 2.58 31.80 11.78
CA LEU E 90 1.57 31.02 11.08
C LEU E 90 1.14 31.79 9.82
N ALA E 91 0.91 33.08 10.03
CA ALA E 91 0.50 33.96 8.93
C ALA E 91 1.52 33.79 7.80
N GLN E 92 2.79 34.00 8.15
CA GLN E 92 3.89 33.87 7.22
C GLN E 92 3.88 32.52 6.52
N GLU E 93 3.86 31.44 7.29
CA GLU E 93 3.80 30.09 6.76
C GLU E 93 2.60 29.90 5.83
N LEU E 94 1.42 30.41 6.16
CA LEU E 94 0.24 30.20 5.29
C LEU E 94 0.35 31.02 4.00
N ASN E 95 0.73 32.26 4.11
CA ASN E 95 0.93 33.21 3.03
C ASN E 95 1.96 32.66 2.03
N GLN E 96 3.07 32.13 2.54
CA GLN E 96 4.11 31.58 1.69
C GLN E 96 3.53 30.44 0.85
N ARG E 97 2.79 29.54 1.50
CA ARG E 97 2.20 28.44 0.78
C ARG E 97 1.12 28.92 -0.18
N MET E 98 0.36 29.95 0.21
CA MET E 98 -0.73 30.45 -0.65
C MET E 98 -0.07 30.90 -1.98
N THR E 99 0.84 31.83 -1.73
CA THR E 99 1.66 32.50 -2.71
C THR E 99 2.10 31.59 -3.81
N GLN E 100 2.57 30.37 -3.48
CA GLN E 100 3.04 29.47 -4.51
C GLN E 100 2.18 28.32 -4.90
N GLY E 101 0.88 28.56 -5.18
CA GLY E 101 -0.02 27.55 -5.64
C GLY E 101 -0.66 26.63 -4.65
N GLN E 102 -0.40 26.79 -3.34
CA GLN E 102 -1.11 25.86 -2.41
C GLN E 102 -2.49 26.42 -2.16
N SER E 103 -3.55 25.64 -2.39
CA SER E 103 -4.90 26.19 -2.24
C SER E 103 -5.74 25.47 -1.21
N ASP E 104 -5.57 24.16 -1.21
CA ASP E 104 -6.24 23.21 -0.40
C ASP E 104 -5.44 22.83 0.84
N PHE E 105 -5.74 23.46 1.96
CA PHE E 105 -5.04 23.17 3.23
C PHE E 105 -5.97 22.35 4.13
N VAL E 106 -5.54 21.20 4.62
CA VAL E 106 -6.31 20.35 5.49
C VAL E 106 -5.61 20.27 6.86
N PHE E 107 -6.15 20.91 7.88
CA PHE E 107 -5.51 20.82 9.22
C PHE E 107 -6.09 19.60 9.93
N VAL E 108 -5.31 18.70 10.37
CA VAL E 108 -5.76 17.49 11.04
C VAL E 108 -5.63 17.52 12.56
N ILE E 109 -6.72 17.27 13.28
CA ILE E 109 -6.73 17.18 14.75
C ILE E 109 -6.96 15.72 15.12
N GLY E 110 -6.00 15.07 15.68
CA GLY E 110 -6.10 13.66 16.05
C GLY E 110 -7.04 13.47 17.25
N GLY E 111 -7.18 12.24 17.66
CA GLY E 111 -7.98 11.80 18.78
C GLY E 111 -7.12 11.89 20.04
N SER E 112 -7.59 11.33 21.15
CA SER E 112 -6.81 11.52 22.39
C SER E 112 -5.58 10.71 22.46
N ASN E 113 -5.50 9.61 21.71
CA ASN E 113 -4.28 8.79 21.68
C ASN E 113 -3.33 9.28 20.60
N GLY E 114 -3.75 10.32 19.89
CA GLY E 114 -2.95 10.94 18.88
C GLY E 114 -3.02 10.34 17.49
N LEU E 115 -2.10 10.75 16.62
CA LEU E 115 -2.08 10.26 15.25
C LEU E 115 -1.23 9.08 14.95
N HIS E 116 -1.84 8.14 14.19
CA HIS E 116 -1.14 6.90 13.81
C HIS E 116 0.02 7.21 12.88
N LYS E 117 0.99 6.31 12.86
CA LYS E 117 2.15 6.43 12.00
C LYS E 117 1.78 6.84 10.57
N ASP E 118 0.76 6.19 9.99
CA ASP E 118 0.39 6.51 8.63
C ASP E 118 -0.06 7.96 8.42
N VAL E 119 -0.59 8.61 9.42
CA VAL E 119 -1.12 9.99 9.27
C VAL E 119 0.04 10.98 9.32
N LEU E 120 0.93 10.74 10.26
CA LEU E 120 2.14 11.53 10.41
C LEU E 120 2.86 11.48 9.06
N GLN E 121 2.94 10.27 8.46
CA GLN E 121 3.53 10.09 7.15
C GLN E 121 2.96 11.03 6.10
N ARG E 122 1.67 11.20 6.04
CA ARG E 122 1.04 12.08 5.05
C ARG E 122 1.18 13.56 5.28
N SER E 123 1.57 13.96 6.47
CA SER E 123 1.60 15.40 6.77
C SER E 123 2.66 16.14 5.99
N ASN E 124 2.34 17.33 5.51
CA ASN E 124 3.30 18.19 4.85
C ASN E 124 3.97 19.19 5.84
N TYR E 125 3.31 19.40 6.98
CA TYR E 125 3.78 20.34 7.98
C TYR E 125 3.24 20.04 9.40
N ALA E 126 4.08 19.70 10.33
CA ALA E 126 3.66 19.48 11.72
C ALA E 126 3.57 20.83 12.45
N LEU E 127 2.43 21.12 13.10
CA LEU E 127 2.21 22.38 13.76
C LEU E 127 1.83 22.16 15.22
N SER E 128 2.55 22.88 16.08
CA SER E 128 2.32 22.79 17.50
C SER E 128 1.79 24.13 18.07
N PHE E 129 0.70 24.02 18.82
CA PHE E 129 0.17 25.20 19.48
C PHE E 129 0.76 25.32 20.90
N SER E 130 1.31 24.22 21.42
CA SER E 130 1.72 24.30 22.84
C SER E 130 2.40 22.99 23.25
N LYS E 131 3.14 23.02 24.36
CA LYS E 131 3.71 21.79 24.90
C LYS E 131 2.70 21.07 25.79
N MET E 132 1.65 21.77 26.20
CA MET E 132 0.59 21.23 27.03
C MET E 132 -0.51 20.62 26.11
N THR E 133 -1.23 19.68 26.66
CA THR E 133 -2.30 19.04 25.86
C THR E 133 -3.59 19.75 26.02
N PHE E 134 -4.23 20.19 24.94
CA PHE E 134 -5.58 20.80 25.09
C PHE E 134 -6.61 19.73 24.70
N PRO E 135 -7.78 19.73 25.26
CA PRO E 135 -8.81 18.77 24.88
C PRO E 135 -9.23 19.03 23.42
N HIS E 136 -9.65 17.97 22.75
CA HIS E 136 -10.03 18.02 21.37
C HIS E 136 -10.97 19.13 21.04
N GLN E 137 -12.05 19.34 21.76
CA GLN E 137 -12.98 20.42 21.49
C GLN E 137 -12.35 21.79 21.53
N MET E 138 -11.55 22.04 22.57
CA MET E 138 -10.94 23.40 22.70
C MET E 138 -9.90 23.55 21.61
N MET E 139 -9.15 22.47 21.33
CA MET E 139 -8.12 22.55 20.30
C MET E 139 -8.69 23.09 19.01
N ARG E 140 -9.86 22.57 18.62
CA ARG E 140 -10.56 22.97 17.41
C ARG E 140 -10.92 24.43 17.45
N VAL E 141 -11.39 24.98 18.58
CA VAL E 141 -11.70 26.41 18.64
C VAL E 141 -10.44 27.24 18.46
N VAL E 142 -9.42 26.82 19.22
CA VAL E 142 -8.12 27.51 19.13
C VAL E 142 -7.60 27.56 17.72
N LEU E 143 -7.67 26.47 16.95
CA LEU E 143 -7.24 26.43 15.56
C LEU E 143 -8.03 27.38 14.68
N ILE E 144 -9.36 27.29 14.75
CA ILE E 144 -10.18 28.16 13.92
C ILE E 144 -9.85 29.60 14.20
N GLU E 145 -9.82 29.99 15.48
CA GLU E 145 -9.48 31.36 15.87
C GLU E 145 -8.14 31.80 15.34
N GLN E 146 -7.13 30.96 15.52
CA GLN E 146 -5.80 31.26 15.04
C GLN E 146 -5.74 31.43 13.51
N VAL E 147 -6.47 30.64 12.76
CA VAL E 147 -6.56 30.72 11.31
C VAL E 147 -7.18 32.05 10.89
N TYR E 148 -8.22 32.43 11.64
CA TYR E 148 -8.84 33.75 11.44
C TYR E 148 -7.78 34.81 11.72
N ARG E 149 -7.00 34.64 12.78
CA ARG E 149 -5.91 35.57 13.12
C ARG E 149 -4.83 35.61 12.05
N ALA E 150 -4.46 34.46 11.50
CA ALA E 150 -3.45 34.39 10.43
C ALA E 150 -3.85 35.25 9.24
N PHE E 151 -5.05 35.12 8.74
CA PHE E 151 -5.58 35.97 7.68
C PHE E 151 -5.57 37.45 8.06
N LYS E 152 -6.16 37.75 9.23
CA LYS E 152 -6.21 39.12 9.72
C LYS E 152 -4.85 39.79 9.68
N ILE E 153 -3.80 39.04 9.90
CA ILE E 153 -2.42 39.56 9.82
C ILE E 153 -2.01 39.63 8.35
N MET E 154 -2.35 38.63 7.55
CA MET E 154 -2.03 38.61 6.14
C MET E 154 -2.51 39.83 5.37
N ARG E 155 -3.75 40.22 5.58
CA ARG E 155 -4.35 41.37 4.95
C ARG E 155 -3.97 42.73 5.50
N GLY E 156 -3.31 42.81 6.65
CA GLY E 156 -2.87 44.03 7.27
C GLY E 156 -3.76 44.56 8.37
N GLU E 157 -4.94 44.02 8.57
CA GLU E 157 -5.89 44.46 9.58
C GLU E 157 -5.33 44.48 10.99
N ALA E 158 -5.75 45.43 11.83
CA ALA E 158 -5.24 45.59 13.17
C ALA E 158 -5.84 44.62 14.18
N TYR E 159 -5.00 43.68 14.66
CA TYR E 159 -5.49 42.69 15.63
C TYR E 159 -4.58 42.40 16.77
N LEU F 3 -5.59 23.57 47.64
CA LEU F 3 -6.49 24.27 48.62
C LEU F 3 -7.13 25.47 47.99
N LYS F 4 -6.37 26.44 47.45
CA LYS F 4 -7.09 27.51 46.73
C LYS F 4 -6.43 27.85 45.39
N ILE F 5 -7.27 27.99 44.34
CA ILE F 5 -6.82 28.43 43.06
C ILE F 5 -7.63 29.69 42.68
N THR F 6 -6.93 30.71 42.26
CA THR F 6 -7.66 31.91 41.83
C THR F 6 -7.21 32.28 40.42
N ILE F 7 -8.20 32.59 39.61
CA ILE F 7 -7.89 33.10 38.27
C ILE F 7 -8.20 34.60 38.30
N LEU F 8 -7.11 35.35 38.24
CA LEU F 8 -7.21 36.82 38.20
C LEU F 8 -6.88 37.30 36.78
N ALA F 9 -7.88 37.78 36.08
CA ALA F 9 -7.75 38.20 34.68
C ALA F 9 -8.19 39.63 34.45
N VAL F 10 -7.55 40.35 33.53
CA VAL F 10 -7.89 41.72 33.20
C VAL F 10 -8.95 41.70 32.07
N GLY F 11 -10.04 42.40 32.29
CA GLY F 11 -11.08 42.47 31.24
C GLY F 11 -12.26 41.58 31.61
N LYS F 12 -13.49 42.05 31.41
CA LYS F 12 -14.61 41.17 31.76
C LYS F 12 -14.98 40.31 30.55
N LEU F 13 -15.72 39.26 30.81
CA LEU F 13 -16.22 38.36 29.79
C LEU F 13 -17.66 38.78 29.49
N LYS F 14 -18.21 38.36 28.37
CA LYS F 14 -19.59 38.64 28.05
C LYS F 14 -20.16 37.49 27.20
N GLU F 15 -19.27 36.68 26.60
CA GLU F 15 -19.78 35.62 25.79
C GLU F 15 -20.41 34.54 26.65
N LYS F 16 -21.69 34.27 26.35
CA LYS F 16 -22.43 33.23 27.02
C LYS F 16 -21.71 31.89 26.91
N TYR F 17 -21.04 31.60 25.78
CA TYR F 17 -20.40 30.30 25.64
C TYR F 17 -19.10 30.22 26.41
N TRP F 18 -18.34 31.29 26.55
CA TRP F 18 -17.09 31.25 27.31
C TRP F 18 -17.44 30.99 28.80
N LYS F 19 -18.32 31.85 29.28
CA LYS F 19 -18.86 31.83 30.62
C LYS F 19 -19.31 30.44 31.01
N GLN F 20 -20.07 29.81 30.13
CA GLN F 20 -20.56 28.46 30.27
C GLN F 20 -19.43 27.47 30.33
N ALA F 21 -18.40 27.67 29.48
CA ALA F 21 -17.26 26.76 29.50
C ALA F 21 -16.51 26.88 30.83
N ILE F 22 -16.39 28.11 31.32
CA ILE F 22 -15.69 28.37 32.59
C ILE F 22 -16.46 27.85 33.77
N ALA F 23 -17.80 27.85 33.68
CA ALA F 23 -18.58 27.35 34.81
C ALA F 23 -18.39 25.83 34.83
N GLU F 24 -18.30 25.23 33.64
CA GLU F 24 -18.11 23.79 33.56
C GLU F 24 -16.85 23.33 34.25
N TYR F 25 -15.73 24.02 34.06
CA TYR F 25 -14.48 23.62 34.67
C TYR F 25 -14.47 24.04 36.13
N GLU F 26 -15.24 25.09 36.43
CA GLU F 26 -15.43 25.52 37.80
C GLU F 26 -16.03 24.40 38.63
N LYS F 27 -17.11 23.81 38.13
CA LYS F 27 -17.74 22.71 38.83
C LYS F 27 -16.81 21.50 38.89
N ARG F 28 -16.14 21.13 37.77
CA ARG F 28 -15.25 19.98 37.85
C ARG F 28 -14.06 20.15 38.76
N LEU F 29 -13.64 21.37 39.11
CA LEU F 29 -12.47 21.53 39.97
C LEU F 29 -12.91 21.51 41.44
N GLY F 30 -14.21 21.66 41.71
CA GLY F 30 -14.78 21.67 43.01
C GLY F 30 -14.22 20.64 43.98
N PRO F 31 -14.33 19.37 43.65
CA PRO F 31 -13.80 18.26 44.40
C PRO F 31 -12.34 18.34 44.80
N TYR F 32 -11.50 19.05 44.03
CA TYR F 32 -10.11 19.13 44.28
C TYR F 32 -9.64 20.39 44.97
N THR F 33 -10.45 21.46 44.90
CA THR F 33 -9.91 22.76 45.37
C THR F 33 -10.96 23.83 45.34
N LYS F 34 -10.70 24.88 46.10
CA LYS F 34 -11.68 26.02 46.04
C LYS F 34 -11.25 26.75 44.75
N ILE F 35 -12.16 27.15 43.92
CA ILE F 35 -11.74 27.88 42.71
C ILE F 35 -12.51 29.18 42.63
N ASP F 36 -11.72 30.25 42.44
CA ASP F 36 -12.29 31.62 42.47
C ASP F 36 -11.79 32.40 41.30
N ILE F 37 -12.60 33.15 40.61
CA ILE F 37 -12.21 33.94 39.44
C ILE F 37 -12.50 35.40 39.65
N ILE F 38 -11.48 36.22 39.59
CA ILE F 38 -11.58 37.66 39.81
C ILE F 38 -11.23 38.39 38.50
N GLU F 39 -12.12 39.26 38.05
CA GLU F 39 -11.93 40.06 36.86
C GLU F 39 -11.62 41.52 37.23
N VAL F 40 -10.51 42.09 36.78
CA VAL F 40 -10.26 43.49 37.03
C VAL F 40 -10.39 44.21 35.67
N PRO F 41 -11.13 45.31 35.69
CA PRO F 41 -11.41 46.07 34.50
C PRO F 41 -10.18 46.46 33.70
N ASP F 42 -10.28 46.46 32.37
CA ASP F 42 -9.18 46.95 31.58
C ASP F 42 -9.16 48.49 31.66
N GLU F 43 -7.99 49.07 31.55
CA GLU F 43 -7.78 50.53 31.59
C GLU F 43 -7.95 50.98 30.12
N LYS F 44 -8.78 51.98 29.86
CA LYS F 44 -8.94 52.39 28.45
C LYS F 44 -7.76 53.25 28.02
N ALA F 45 -7.42 53.14 26.74
CA ALA F 45 -6.26 53.88 26.21
C ALA F 45 -6.54 54.56 24.89
N PRO F 46 -5.68 55.52 24.53
CA PRO F 46 -5.81 56.26 23.28
C PRO F 46 -5.61 55.34 22.08
N SER F 50 2.01 54.71 21.56
CA SER F 50 3.21 55.21 22.21
C SER F 50 3.68 54.34 23.37
N ASP F 51 4.93 53.92 23.35
CA ASP F 51 5.51 53.09 24.42
C ASP F 51 5.28 53.73 25.78
N LYS F 52 5.42 55.04 25.89
CA LYS F 52 5.19 55.71 27.16
C LYS F 52 3.77 55.53 27.65
N GLU F 53 2.77 55.81 26.80
CA GLU F 53 1.37 55.70 27.14
C GLU F 53 0.96 54.28 27.47
N ILE F 54 1.59 53.32 26.81
CA ILE F 54 1.32 51.91 27.08
C ILE F 54 1.70 51.55 28.50
N GLU F 55 2.82 52.12 28.99
CA GLU F 55 3.31 51.83 30.32
C GLU F 55 2.29 52.25 31.36
N GLN F 56 1.84 53.51 31.20
CA GLN F 56 0.89 54.08 32.15
C GLN F 56 -0.41 53.30 32.19
N VAL F 57 -0.79 52.67 31.08
CA VAL F 57 -2.02 51.86 31.03
C VAL F 57 -1.80 50.52 31.71
N LYS F 58 -0.61 49.96 31.51
CA LYS F 58 -0.21 48.73 32.15
C LYS F 58 -0.01 48.96 33.64
N GLU F 59 0.50 50.16 34.00
CA GLU F 59 0.75 50.44 35.40
C GLU F 59 -0.53 50.57 36.20
N LYS F 60 -1.56 51.17 35.59
CA LYS F 60 -2.81 51.40 36.30
C LYS F 60 -3.49 50.04 36.49
N GLU F 61 -3.42 49.29 35.40
CA GLU F 61 -3.98 47.93 35.43
C GLU F 61 -3.26 47.03 36.40
N GLY F 62 -1.92 47.18 36.55
CA GLY F 62 -1.15 46.41 37.49
C GLY F 62 -1.42 46.82 38.93
N GLN F 63 -1.80 48.08 39.19
CA GLN F 63 -2.11 48.44 40.60
C GLN F 63 -3.37 47.73 41.02
N ARG F 64 -4.31 47.66 40.08
CA ARG F 64 -5.58 46.98 40.41
C ARG F 64 -5.38 45.50 40.57
N ILE F 65 -4.34 44.97 39.90
CA ILE F 65 -4.11 43.53 39.98
C ILE F 65 -3.50 43.18 41.33
N LEU F 66 -2.49 43.94 41.73
CA LEU F 66 -1.80 43.66 42.97
C LEU F 66 -2.68 43.77 44.19
N ALA F 67 -3.68 44.70 44.16
CA ALA F 67 -4.56 44.88 45.31
C ALA F 67 -5.31 43.58 45.61
N LYS F 68 -5.50 42.80 44.54
CA LYS F 68 -6.27 41.57 44.64
C LYS F 68 -5.38 40.37 44.94
N ILE F 69 -4.07 40.59 45.15
CA ILE F 69 -3.15 39.56 45.45
C ILE F 69 -2.60 39.58 46.88
N LYS F 70 -2.96 38.58 47.66
CA LYS F 70 -2.45 38.48 49.02
C LYS F 70 -0.97 38.30 48.92
N PRO F 71 -0.24 38.80 49.90
CA PRO F 71 1.22 38.71 49.83
C PRO F 71 1.75 37.30 49.87
N GLN F 72 1.01 36.40 50.54
CA GLN F 72 1.47 35.04 50.75
C GLN F 72 1.29 34.14 49.50
N SER F 73 0.33 34.44 48.69
CA SER F 73 -0.05 33.75 47.52
C SER F 73 1.02 33.46 46.48
N THR F 74 1.03 32.20 46.01
CA THR F 74 1.91 31.79 44.93
C THR F 74 1.38 32.31 43.59
N VAL F 75 2.09 33.26 42.99
CA VAL F 75 1.63 33.88 41.76
C VAL F 75 2.24 33.33 40.49
N ILE F 76 1.35 32.91 39.58
CA ILE F 76 1.78 32.38 38.30
C ILE F 76 1.25 33.25 37.18
N THR F 77 2.16 33.93 36.49
CA THR F 77 1.88 34.86 35.46
C THR F 77 1.95 34.23 34.05
N LEU F 78 0.90 34.50 33.31
CA LEU F 78 0.82 33.99 31.92
C LEU F 78 1.63 34.95 31.05
N GLU F 79 2.74 34.48 30.56
CA GLU F 79 3.67 35.24 29.74
C GLU F 79 4.12 34.34 28.58
N ILE F 80 3.90 34.86 27.37
CA ILE F 80 4.30 34.13 26.18
C ILE F 80 5.80 33.84 26.23
N GLN F 81 6.58 34.70 26.87
CA GLN F 81 8.00 34.49 27.09
C GLN F 81 8.27 33.58 28.29
N GLY F 82 7.24 33.18 29.06
CA GLY F 82 7.44 32.34 30.22
C GLY F 82 7.91 30.93 29.87
N LYS F 83 7.93 30.07 30.85
CA LYS F 83 8.33 28.66 30.73
C LYS F 83 7.32 27.84 29.95
N MET F 84 7.77 27.07 28.95
CA MET F 84 6.81 26.27 28.15
C MET F 84 6.59 24.89 28.71
N LEU F 85 5.81 24.72 29.78
CA LEU F 85 5.60 23.44 30.37
C LEU F 85 4.63 22.56 29.61
N SER F 86 4.85 21.23 29.70
CA SER F 86 3.89 20.27 29.14
C SER F 86 2.80 20.12 30.24
N SER F 87 1.79 19.32 29.98
CA SER F 87 0.75 19.14 31.02
C SER F 87 1.28 18.45 32.24
N GLU F 88 2.16 17.51 32.08
CA GLU F 88 2.76 16.73 33.17
C GLU F 88 3.68 17.62 33.99
N GLY F 89 4.38 18.49 33.20
CA GLY F 89 5.24 19.43 33.80
C GLY F 89 4.42 20.38 34.68
N LEU F 90 3.26 20.81 34.25
CA LEU F 90 2.54 21.76 35.12
C LEU F 90 2.11 20.99 36.36
N ALA F 91 1.55 19.80 36.20
CA ALA F 91 1.14 19.01 37.37
C ALA F 91 2.34 18.83 38.32
N GLN F 92 3.52 18.44 37.80
CA GLN F 92 4.68 18.31 38.69
C GLN F 92 5.04 19.63 39.37
N GLU F 93 5.02 20.74 38.66
CA GLU F 93 5.30 22.02 39.31
C GLU F 93 4.26 22.35 40.38
N LEU F 94 2.97 22.17 40.15
CA LEU F 94 2.02 22.52 41.22
C LEU F 94 2.20 21.55 42.39
N ASN F 95 2.44 20.27 42.07
CA ASN F 95 2.60 19.24 43.02
C ASN F 95 3.75 19.50 44.01
N GLN F 96 4.91 19.80 43.46
CA GLN F 96 6.07 20.16 44.26
C GLN F 96 5.78 21.33 45.20
N ARG F 97 5.12 22.38 44.73
CA ARG F 97 4.76 23.50 45.61
C ARG F 97 3.80 23.06 46.69
N MET F 98 2.76 22.29 46.33
CA MET F 98 1.83 21.85 47.39
C MET F 98 2.59 21.05 48.42
N THR F 99 3.56 20.21 47.90
CA THR F 99 4.35 19.39 48.81
C THR F 99 5.19 20.21 49.77
N GLN F 100 5.55 21.42 49.42
CA GLN F 100 6.38 22.31 50.24
C GLN F 100 5.55 23.33 50.99
N GLY F 101 4.25 23.09 51.18
CA GLY F 101 3.37 23.94 51.86
C GLY F 101 2.62 25.01 51.14
N GLN F 102 2.70 25.15 49.82
CA GLN F 102 1.91 26.25 49.19
C GLN F 102 0.53 25.70 48.86
N SER F 103 -0.51 26.47 49.17
CA SER F 103 -1.86 25.98 48.90
C SER F 103 -2.74 27.03 48.27
N ASP F 104 -2.25 28.25 48.18
CA ASP F 104 -3.10 29.33 47.63
C ASP F 104 -2.43 29.80 46.35
N PHE F 105 -3.02 29.57 45.21
CA PHE F 105 -2.40 29.87 43.92
C PHE F 105 -3.21 30.87 43.15
N VAL F 106 -2.48 31.83 42.56
CA VAL F 106 -3.07 32.86 41.76
C VAL F 106 -2.49 32.89 40.33
N PHE F 107 -3.32 32.55 39.35
CA PHE F 107 -2.87 32.58 37.94
C PHE F 107 -3.34 33.94 37.38
N VAL F 108 -2.44 34.71 36.83
CA VAL F 108 -2.80 36.03 36.33
C VAL F 108 -2.65 36.18 34.86
N ILE F 109 -3.74 36.73 34.29
CA ILE F 109 -3.83 37.01 32.86
C ILE F 109 -3.94 38.54 32.72
N GLY F 110 -2.94 39.10 32.03
CA GLY F 110 -2.85 40.53 31.86
C GLY F 110 -3.76 41.00 30.72
N GLY F 111 -3.79 42.32 30.55
CA GLY F 111 -4.69 42.92 29.56
C GLY F 111 -4.12 42.74 28.13
N SER F 112 -4.67 43.50 27.22
CA SER F 112 -4.34 43.59 25.82
C SER F 112 -2.91 44.07 25.62
N ASN F 113 -2.43 44.96 26.51
CA ASN F 113 -1.06 45.40 26.38
C ASN F 113 -0.07 44.68 27.26
N GLY F 114 -0.38 43.51 27.79
CA GLY F 114 0.54 42.79 28.64
C GLY F 114 0.57 43.34 30.07
N LEU F 115 1.27 42.65 30.93
CA LEU F 115 1.48 42.92 32.31
C LEU F 115 2.60 43.93 32.56
N HIS F 116 2.32 44.83 33.53
CA HIS F 116 3.38 45.81 33.86
C HIS F 116 4.49 45.13 34.62
N LYS F 117 5.71 45.67 34.58
CA LYS F 117 6.79 45.16 35.40
C LYS F 117 6.29 44.92 36.88
N ASP F 118 5.49 45.81 37.49
CA ASP F 118 5.15 45.58 38.88
C ASP F 118 4.54 44.21 39.13
N VAL F 119 3.67 43.77 38.24
CA VAL F 119 3.07 42.44 38.42
C VAL F 119 4.08 41.34 38.06
N LEU F 120 4.92 41.59 37.05
CA LEU F 120 5.91 40.64 36.61
C LEU F 120 6.92 40.36 37.76
N GLN F 121 7.16 41.40 38.55
CA GLN F 121 8.10 41.32 39.66
C GLN F 121 7.45 40.55 40.83
N ARG F 122 6.11 40.67 40.89
CA ARG F 122 5.38 39.97 41.92
C ARG F 122 5.35 38.45 41.63
N SER F 123 5.26 38.07 40.37
CA SER F 123 5.18 36.69 39.92
C SER F 123 6.15 35.74 40.58
N ASN F 124 5.72 34.57 40.99
CA ASN F 124 6.66 33.56 41.50
C ASN F 124 7.02 32.60 40.35
N TYR F 125 6.28 32.66 39.24
CA TYR F 125 6.52 31.77 38.11
C TYR F 125 5.82 32.29 36.83
N ALA F 126 6.61 32.37 35.79
CA ALA F 126 6.15 32.82 34.46
C ALA F 126 5.79 31.62 33.57
N LEU F 127 4.49 31.37 33.35
CA LEU F 127 4.12 30.17 32.60
C LEU F 127 3.79 30.52 31.14
N SER F 128 4.28 29.75 30.18
CA SER F 128 3.84 30.02 28.78
C SER F 128 2.99 28.91 28.21
N PHE F 129 1.79 29.22 27.70
CA PHE F 129 0.91 28.29 27.06
C PHE F 129 1.15 28.12 25.55
N SER F 130 1.82 29.05 24.90
CA SER F 130 2.05 28.86 23.44
C SER F 130 2.88 30.02 22.91
N LYS F 131 3.39 29.90 21.69
CA LYS F 131 4.15 30.99 21.09
C LYS F 131 3.13 31.92 20.37
N MET F 132 1.96 31.35 20.13
CA MET F 132 0.87 32.10 19.54
C MET F 132 0.13 32.99 20.55
N THR F 133 -0.69 33.90 19.98
CA THR F 133 -1.45 34.85 20.77
C THR F 133 -2.90 34.46 20.82
N PHE F 134 -3.44 34.22 22.02
CA PHE F 134 -4.86 33.83 22.10
C PHE F 134 -5.63 35.01 22.71
N PRO F 135 -6.85 35.26 22.24
CA PRO F 135 -7.66 36.29 22.89
C PRO F 135 -7.81 35.95 24.38
N HIS F 136 -7.97 36.97 25.21
CA HIS F 136 -8.08 36.90 26.65
C HIS F 136 -9.16 35.99 27.17
N GLN F 137 -10.34 36.06 26.59
CA GLN F 137 -11.47 35.23 27.01
C GLN F 137 -11.09 33.75 26.78
N MET F 138 -10.42 33.47 25.65
CA MET F 138 -10.02 32.11 25.28
C MET F 138 -8.96 31.56 26.22
N MET F 139 -7.94 32.37 26.48
CA MET F 139 -6.86 32.03 27.38
C MET F 139 -7.38 31.63 28.76
N ARG F 140 -8.34 32.41 29.28
CA ARG F 140 -8.92 32.07 30.59
C ARG F 140 -9.57 30.69 30.55
N VAL F 141 -10.19 30.30 29.42
CA VAL F 141 -10.81 29.00 29.29
C VAL F 141 -9.75 27.88 29.17
N VAL F 142 -8.66 28.16 28.45
CA VAL F 142 -7.56 27.18 28.29
C VAL F 142 -6.93 26.95 29.65
N LEU F 143 -6.59 28.05 30.33
CA LEU F 143 -6.06 28.00 31.67
C LEU F 143 -6.90 27.21 32.66
N ILE F 144 -8.20 27.53 32.82
CA ILE F 144 -9.02 26.73 33.76
C ILE F 144 -8.98 25.27 33.43
N GLU F 145 -9.11 24.89 32.14
CA GLU F 145 -9.06 23.48 31.78
C GLU F 145 -7.72 22.90 32.18
N GLN F 146 -6.61 23.69 31.93
CA GLN F 146 -5.28 23.15 32.22
C GLN F 146 -5.06 22.89 33.69
N VAL F 147 -5.65 23.72 34.55
CA VAL F 147 -5.58 23.48 35.99
C VAL F 147 -6.33 22.23 36.36
N TYR F 148 -7.54 22.03 35.85
CA TYR F 148 -8.24 20.77 36.15
C TYR F 148 -7.40 19.59 35.66
N ARG F 149 -6.84 19.69 34.44
CA ARG F 149 -5.99 18.66 33.87
C ARG F 149 -4.83 18.35 34.80
N ALA F 150 -4.19 19.44 35.28
CA ALA F 150 -3.11 19.21 36.26
C ALA F 150 -3.60 18.51 37.50
N PHE F 151 -4.83 18.82 38.00
CA PHE F 151 -5.29 18.05 39.17
C PHE F 151 -5.48 16.57 38.80
N LYS F 152 -6.17 16.26 37.72
CA LYS F 152 -6.33 14.85 37.30
C LYS F 152 -4.96 14.16 37.19
N ILE F 153 -3.94 14.73 36.58
CA ILE F 153 -2.61 14.13 36.49
C ILE F 153 -1.96 13.86 37.84
N MET F 154 -1.91 14.83 38.74
CA MET F 154 -1.35 14.71 40.08
C MET F 154 -2.03 13.59 40.89
N ARG F 155 -3.30 13.36 40.65
CA ARG F 155 -4.07 12.35 41.32
C ARG F 155 -4.05 11.03 40.58
N GLY F 156 -3.52 11.06 39.33
CA GLY F 156 -3.45 9.86 38.51
C GLY F 156 -4.82 9.35 38.14
N GLU F 157 -5.78 10.27 38.01
CA GLU F 157 -7.14 9.91 37.61
C GLU F 157 -7.21 10.02 36.09
N ALA F 158 -7.86 9.12 35.41
CA ALA F 158 -7.97 9.08 33.96
C ALA F 158 -8.64 10.33 33.39
N TYR F 159 -7.98 10.90 32.42
CA TYR F 159 -8.38 12.12 31.76
C TYR F 159 -7.30 12.48 30.73
#